data_5M8X
#
_entry.id   5M8X
#
_cell.length_a   73.766
_cell.length_b   73.766
_cell.length_c   185.010
_cell.angle_alpha   90.00
_cell.angle_beta   90.00
_cell.angle_gamma   90.00
#
_symmetry.space_group_name_H-M   'P 41'
#
loop_
_entity.id
_entity.type
_entity.pdbx_description
1 polymer 'Tetrachloroethene reductive dehalogenase catalytic subunit PceA'
2 non-polymer 'IRON/SULFUR CLUSTER'
3 non-polymer NORPSEUDO-B12
4 non-polymer BENZAMIDINE
5 non-polymer GLYCEROL
6 non-polymer 2,4,5-trichlorophenol
7 water water
#
_entity_poly.entity_id   1
_entity_poly.type   'polypeptide(L)'
_entity_poly.pdbx_seq_one_letter_code
;AEKEKNAAEIRQQFAMTAGSPIIVNDKLERYAEVRTAFTHPTSFFKPNYKGEVKPWFLSAYDEKVRQIENGENGPKMKAK
NVGEARAGRALEAAGWTLDINYGNIYPNRFFMLWSGETMTNTQLWAPVGLDRRPPDTTDPVELTNYVKFAARMAGADLVG
VARLNRNWVYSEAVTIPADVPYEQSLHKEIEKPIVFKDVPLPIETDDELIIPNTCENVIVAGIAMNREMMQTAPNSMACA
TTAFCYSRMCMFDMWLCQFIRYMGYYAIPSCNGVGQSVAFAVEAGLGQASRMGACITPEFGPNVRLTKVFTNMPLVPDKP
IDFGVTEFCETCKKCARECPSKAITEGPRTFEGRSIHNQSGKLQWQNDYNKCLGYWPESGGYCGVCVAVCPFTKGNIWIH
DGVEWLIDNTRFLDPLMLGMDDALGYGAKRNITEVWDGKINTYGLDADHFRDTVSFRKDRVKKS
;
_entity_poly.pdbx_strand_id   A,B
#
loop_
_chem_comp.id
_chem_comp.type
_chem_comp.name
_chem_comp.formula
BEN non-polymer BENZAMIDINE 'C7 H8 N2'
BVQ non-polymer NORPSEUDO-B12 'C57 H82 Co N16 O14 P 5'
GOL non-polymer GLYCEROL 'C3 H8 O3'
SF4 non-polymer 'IRON/SULFUR CLUSTER' 'Fe4 S4'
TC7 non-polymer 2,4,5-trichlorophenol 'C6 H3 Cl3 O'
#
# COMPACT_ATOMS: atom_id res chain seq x y z
N ALA A 1 20.45 -20.57 -27.10
CA ALA A 1 20.56 -19.63 -25.98
C ALA A 1 19.28 -19.60 -25.15
N GLU A 2 19.44 -19.17 -23.91
CA GLU A 2 18.35 -18.96 -22.97
C GLU A 2 17.26 -18.06 -23.52
N LYS A 3 16.02 -18.56 -23.62
CA LYS A 3 14.91 -17.67 -23.93
C LYS A 3 14.44 -16.96 -22.66
N GLU A 4 14.39 -15.63 -22.71
CA GLU A 4 14.06 -14.85 -21.54
C GLU A 4 12.63 -15.11 -21.11
N LYS A 5 12.41 -15.18 -19.80
CA LYS A 5 11.10 -15.55 -19.28
C LYS A 5 10.03 -14.57 -19.75
N ASN A 6 8.88 -15.11 -20.14
CA ASN A 6 7.77 -14.35 -20.68
C ASN A 6 6.50 -14.83 -19.98
N ALA A 7 6.13 -14.15 -18.89
CA ALA A 7 4.94 -14.54 -18.13
C ALA A 7 3.67 -14.44 -18.96
N ALA A 8 3.60 -13.46 -19.86
CA ALA A 8 2.39 -13.31 -20.67
C ALA A 8 2.24 -14.47 -21.65
N GLU A 9 3.36 -14.89 -22.24
CA GLU A 9 3.38 -16.08 -23.10
C GLU A 9 2.93 -17.31 -22.35
N ILE A 10 3.43 -17.49 -21.13
CA ILE A 10 3.07 -18.65 -20.32
C ILE A 10 1.57 -18.67 -20.08
N ARG A 11 1.01 -17.55 -19.64
CA ARG A 11 -0.43 -17.51 -19.40
C ARG A 11 -1.23 -17.77 -20.66
N GLN A 12 -0.75 -17.27 -21.79
CA GLN A 12 -1.43 -17.54 -23.06
C GLN A 12 -1.38 -19.01 -23.41
N GLN A 13 -0.25 -19.67 -23.16
CA GLN A 13 -0.09 -21.07 -23.54
C GLN A 13 -1.06 -21.96 -22.77
N PHE A 14 -1.30 -21.66 -21.51
CA PHE A 14 -2.06 -22.53 -20.62
C PHE A 14 -3.51 -22.08 -20.40
N ALA A 15 -3.96 -21.07 -21.14
CA ALA A 15 -5.35 -20.62 -21.02
C ALA A 15 -6.32 -21.74 -21.42
N MET A 16 -7.43 -21.85 -20.67
N MET A 16 -7.44 -21.83 -20.71
CA MET A 16 -8.50 -22.80 -20.93
CA MET A 16 -8.45 -22.82 -21.04
C MET A 16 -9.62 -22.12 -21.72
C MET A 16 -9.71 -22.14 -21.57
N THR A 17 -10.57 -22.93 -22.19
CA THR A 17 -11.83 -22.39 -22.68
C THR A 17 -12.69 -21.96 -21.50
N ALA A 18 -13.68 -21.11 -21.79
CA ALA A 18 -14.51 -20.52 -20.75
C ALA A 18 -15.24 -21.60 -19.96
N GLY A 19 -15.48 -21.31 -18.69
CA GLY A 19 -16.21 -22.21 -17.81
C GLY A 19 -15.52 -22.34 -16.47
N SER A 20 -16.27 -22.28 -15.38
CA SER A 20 -15.69 -22.48 -14.04
C SER A 20 -15.01 -23.84 -13.99
N PRO A 21 -13.72 -23.90 -13.64
CA PRO A 21 -13.05 -25.20 -13.60
C PRO A 21 -13.41 -26.04 -12.39
N ILE A 22 -14.04 -25.45 -11.37
CA ILE A 22 -14.31 -26.18 -10.14
C ILE A 22 -15.44 -27.17 -10.36
N ILE A 23 -15.20 -28.42 -10.02
CA ILE A 23 -16.15 -29.50 -10.23
C ILE A 23 -17.00 -29.64 -8.97
N VAL A 24 -18.32 -29.65 -9.14
CA VAL A 24 -19.23 -29.65 -8.00
C VAL A 24 -20.25 -30.77 -8.16
N ASN A 25 -20.90 -31.12 -7.06
CA ASN A 25 -22.03 -32.04 -7.16
C ASN A 25 -23.21 -31.50 -6.36
N ASP A 26 -24.21 -32.35 -6.12
CA ASP A 26 -25.49 -31.86 -5.62
C ASP A 26 -25.49 -31.52 -4.14
N LYS A 27 -24.51 -31.97 -3.37
CA LYS A 27 -24.53 -31.59 -1.96
C LYS A 27 -23.91 -30.22 -1.69
N LEU A 28 -23.56 -29.48 -2.74
CA LEU A 28 -22.96 -28.16 -2.56
C LEU A 28 -23.99 -27.17 -2.04
N GLU A 29 -23.67 -26.51 -0.93
CA GLU A 29 -24.44 -25.42 -0.37
C GLU A 29 -23.50 -24.28 -0.04
N ARG A 30 -24.03 -23.06 -0.02
CA ARG A 30 -23.19 -21.95 0.44
C ARG A 30 -22.80 -22.17 1.90
N TYR A 31 -21.65 -21.62 2.27
CA TYR A 31 -20.93 -21.95 3.49
C TYR A 31 -21.02 -20.78 4.46
N ALA A 32 -21.45 -21.04 5.69
CA ALA A 32 -21.50 -19.99 6.72
C ALA A 32 -20.09 -19.69 7.20
N GLU A 33 -19.70 -18.41 7.12
CA GLU A 33 -18.33 -18.01 7.45
C GLU A 33 -17.91 -18.41 8.86
N VAL A 34 -18.87 -18.51 9.79
CA VAL A 34 -18.55 -18.86 11.17
C VAL A 34 -17.88 -20.25 11.26
N ARG A 35 -18.04 -21.07 10.22
CA ARG A 35 -17.47 -22.41 10.20
C ARG A 35 -15.96 -22.43 10.02
N THR A 36 -15.32 -21.32 9.64
CA THR A 36 -13.86 -21.35 9.48
C THR A 36 -13.20 -21.62 10.82
N ALA A 37 -12.00 -22.22 10.77
CA ALA A 37 -11.35 -22.60 12.02
C ALA A 37 -11.05 -21.39 12.90
N PHE A 38 -10.81 -20.22 12.29
CA PHE A 38 -10.58 -19.00 13.07
C PHE A 38 -11.75 -18.65 13.97
N THR A 39 -12.97 -18.95 13.52
CA THR A 39 -14.16 -18.42 14.18
C THR A 39 -15.02 -19.48 14.85
N HIS A 40 -14.94 -20.74 14.43
CA HIS A 40 -15.89 -21.71 14.93
C HIS A 40 -15.59 -22.08 16.39
N PRO A 41 -16.62 -22.23 17.22
CA PRO A 41 -16.37 -22.59 18.63
C PRO A 41 -15.56 -23.86 18.83
N THR A 42 -15.66 -24.83 17.92
CA THR A 42 -14.94 -26.09 18.12
C THR A 42 -13.44 -25.93 17.96
N SER A 43 -12.99 -24.89 17.27
CA SER A 43 -11.59 -24.71 16.94
C SER A 43 -11.01 -23.43 17.50
N PHE A 44 -11.87 -22.49 17.91
CA PHE A 44 -11.45 -21.15 18.33
C PHE A 44 -10.56 -21.19 19.57
N PHE A 45 -10.77 -22.15 20.46
CA PHE A 45 -10.03 -22.22 21.71
C PHE A 45 -8.85 -23.18 21.57
N LYS A 46 -7.68 -22.74 22.04
CA LYS A 46 -6.46 -23.53 22.01
C LYS A 46 -5.66 -23.29 23.28
N PRO A 47 -4.97 -24.31 23.77
CA PRO A 47 -4.12 -24.11 24.96
C PRO A 47 -2.89 -23.28 24.61
N ASN A 48 -2.40 -22.54 25.60
CA ASN A 48 -1.10 -21.90 25.46
C ASN A 48 -0.02 -22.86 25.99
N TYR A 49 1.22 -22.39 26.05
CA TYR A 49 2.31 -23.28 26.44
C TYR A 49 2.25 -23.66 27.92
N LYS A 50 1.45 -22.97 28.72
CA LYS A 50 1.20 -23.33 30.10
C LYS A 50 -0.03 -24.21 30.27
N GLY A 51 -0.64 -24.64 29.17
CA GLY A 51 -1.86 -25.42 29.24
C GLY A 51 -3.14 -24.65 29.47
N GLU A 52 -3.11 -23.33 29.51
CA GLU A 52 -4.32 -22.53 29.69
C GLU A 52 -5.10 -22.42 28.38
N VAL A 53 -6.40 -22.67 28.43
CA VAL A 53 -7.23 -22.67 27.22
C VAL A 53 -7.79 -21.27 26.97
N LYS A 54 -7.47 -20.71 25.80
CA LYS A 54 -7.78 -19.32 25.49
C LYS A 54 -8.23 -19.21 24.04
N PRO A 55 -8.83 -18.09 23.64
CA PRO A 55 -8.89 -17.78 22.21
C PRO A 55 -7.52 -18.00 21.60
N TRP A 56 -7.49 -18.68 20.47
CA TRP A 56 -6.22 -19.18 19.93
C TRP A 56 -5.20 -18.05 19.75
N PHE A 57 -5.64 -16.87 19.30
CA PHE A 57 -4.66 -15.82 19.04
C PHE A 57 -4.07 -15.27 20.34
N LEU A 58 -4.81 -15.34 21.46
CA LEU A 58 -4.20 -14.96 22.72
C LEU A 58 -3.17 -16.00 23.18
N SER A 59 -3.44 -17.28 22.94
CA SER A 59 -2.42 -18.29 23.23
C SER A 59 -1.19 -18.09 22.36
N ALA A 60 -1.39 -17.68 21.09
CA ALA A 60 -0.26 -17.38 20.23
C ALA A 60 0.52 -16.18 20.75
N TYR A 61 -0.18 -15.13 21.21
CA TYR A 61 0.48 -13.99 21.84
C TYR A 61 1.40 -14.45 22.97
N ASP A 62 0.90 -15.34 23.84
CA ASP A 62 1.71 -15.83 24.95
C ASP A 62 3.02 -16.43 24.44
N GLU A 63 2.96 -17.16 23.31
CA GLU A 63 4.17 -17.77 22.76
C GLU A 63 5.10 -16.72 22.15
N LYS A 64 4.56 -15.69 21.48
CA LYS A 64 5.43 -14.61 20.98
C LYS A 64 6.21 -13.97 22.13
N VAL A 65 5.52 -13.66 23.23
CA VAL A 65 6.16 -13.05 24.39
C VAL A 65 7.26 -13.97 24.93
N ARG A 66 6.93 -15.26 25.08
CA ARG A 66 7.91 -16.23 25.56
C ARG A 66 9.13 -16.27 24.65
N GLN A 67 8.92 -16.26 23.33
CA GLN A 67 10.05 -16.34 22.40
C GLN A 67 10.95 -15.11 22.51
N ILE A 68 10.36 -13.92 22.58
CA ILE A 68 11.17 -12.71 22.70
C ILE A 68 12.01 -12.78 23.98
N GLU A 69 11.36 -13.13 25.09
CA GLU A 69 12.08 -13.21 26.37
C GLU A 69 13.23 -14.20 26.29
N ASN A 70 13.08 -15.26 25.50
CA ASN A 70 14.10 -16.29 25.36
C ASN A 70 15.00 -16.10 24.15
N GLY A 71 14.91 -14.97 23.47
CA GLY A 71 15.76 -14.70 22.32
C GLY A 71 15.54 -15.65 21.17
N GLU A 72 14.29 -15.95 20.85
CA GLU A 72 13.96 -16.87 19.77
C GLU A 72 13.13 -16.16 18.70
N ASN A 73 13.29 -16.61 17.45
CA ASN A 73 12.51 -16.09 16.32
C ASN A 73 11.36 -17.01 15.96
N GLY A 74 11.24 -18.16 16.62
CA GLY A 74 10.26 -19.16 16.31
C GLY A 74 10.42 -20.32 17.28
N PRO A 75 9.61 -21.36 17.15
CA PRO A 75 9.65 -22.47 18.13
C PRO A 75 10.98 -23.21 18.03
N LYS A 76 11.73 -23.22 19.14
CA LYS A 76 13.04 -23.84 19.21
C LYS A 76 14.03 -23.25 18.22
N MET A 77 13.81 -22.02 17.76
CA MET A 77 14.71 -21.40 16.80
C MET A 77 15.32 -20.17 17.46
N LYS A 78 16.57 -20.32 17.89
CA LYS A 78 17.27 -19.25 18.58
C LYS A 78 17.52 -18.08 17.63
N ALA A 79 17.25 -16.87 18.11
CA ALA A 79 17.65 -15.66 17.40
C ALA A 79 19.12 -15.34 17.67
N LYS A 80 19.65 -14.37 16.92
CA LYS A 80 20.99 -13.88 17.20
C LYS A 80 21.08 -13.31 18.61
N ASN A 81 20.01 -12.66 19.07
CA ASN A 81 19.92 -12.10 20.42
C ASN A 81 18.48 -11.66 20.63
N VAL A 82 18.20 -11.12 21.81
CA VAL A 82 16.83 -10.75 22.13
C VAL A 82 16.35 -9.60 21.23
N GLY A 83 17.25 -8.65 20.92
CA GLY A 83 16.85 -7.52 20.11
C GLY A 83 16.42 -7.94 18.72
N GLU A 84 17.06 -8.97 18.16
CA GLU A 84 16.61 -9.50 16.87
C GLU A 84 15.23 -10.15 17.00
N ALA A 85 15.03 -10.93 18.07
CA ALA A 85 13.72 -11.53 18.30
C ALA A 85 12.66 -10.44 18.42
N ARG A 86 12.95 -9.41 19.23
N ARG A 86 12.96 -9.36 19.15
CA ARG A 86 12.07 -8.25 19.34
CA ARG A 86 11.97 -8.31 19.32
C ARG A 86 11.73 -7.65 17.98
C ARG A 86 11.74 -7.52 18.03
N ALA A 87 12.77 -7.39 17.18
CA ALA A 87 12.57 -6.70 15.92
C ALA A 87 11.64 -7.47 14.98
N GLY A 88 11.76 -8.80 14.93
CA GLY A 88 10.88 -9.57 14.06
C GLY A 88 9.42 -9.44 14.45
N ARG A 89 9.14 -9.46 15.76
CA ARG A 89 7.74 -9.31 16.17
C ARG A 89 7.26 -7.87 16.02
N ALA A 90 8.14 -6.89 16.16
CA ALA A 90 7.73 -5.50 15.91
C ALA A 90 7.36 -5.29 14.45
N LEU A 91 8.12 -5.91 13.54
CA LEU A 91 7.81 -5.80 12.12
C LEU A 91 6.48 -6.48 11.81
N GLU A 92 6.27 -7.68 12.36
CA GLU A 92 5.01 -8.39 12.18
C GLU A 92 3.83 -7.57 12.67
N ALA A 93 3.90 -7.10 13.92
CA ALA A 93 2.79 -6.33 14.48
C ALA A 93 2.51 -5.09 13.66
N ALA A 94 3.56 -4.36 13.23
CA ALA A 94 3.36 -3.15 12.45
C ALA A 94 2.71 -3.44 11.09
N GLY A 95 3.02 -4.59 10.50
CA GLY A 95 2.46 -4.90 9.19
C GLY A 95 0.95 -4.87 9.16
N TRP A 96 0.30 -5.22 10.26
CA TRP A 96 -1.15 -5.30 10.35
C TRP A 96 -1.85 -3.94 10.52
N THR A 97 -1.12 -2.81 10.39
CA THR A 97 -1.66 -1.50 10.78
C THR A 97 -2.99 -1.18 10.11
N LEU A 98 -3.15 -1.54 8.83
CA LEU A 98 -4.37 -1.19 8.11
C LEU A 98 -5.32 -2.39 7.98
N ASP A 99 -5.42 -3.21 9.01
CA ASP A 99 -6.26 -4.40 8.95
C ASP A 99 -6.96 -4.56 10.30
N ILE A 100 -8.26 -4.87 10.27
CA ILE A 100 -9.06 -4.98 11.50
C ILE A 100 -9.17 -6.45 11.89
N ASN A 101 -8.72 -6.77 13.11
CA ASN A 101 -8.97 -8.08 13.74
C ASN A 101 -8.59 -9.24 12.83
N TYR A 102 -7.44 -9.12 12.16
CA TYR A 102 -6.85 -10.19 11.37
C TYR A 102 -7.78 -10.61 10.22
N GLY A 103 -7.93 -9.68 9.28
CA GLY A 103 -8.50 -10.06 7.99
C GLY A 103 -9.55 -9.15 7.41
N ASN A 104 -9.99 -8.14 8.16
CA ASN A 104 -11.04 -7.23 7.66
C ASN A 104 -12.31 -8.00 7.25
N ILE A 105 -12.70 -9.02 8.03
CA ILE A 105 -13.80 -9.85 7.54
C ILE A 105 -15.18 -9.20 7.73
N TYR A 106 -15.37 -8.31 8.73
CA TYR A 106 -16.70 -7.74 8.93
C TYR A 106 -17.12 -6.89 7.74
N PRO A 107 -18.17 -7.29 7.01
CA PRO A 107 -18.59 -6.49 5.85
C PRO A 107 -19.22 -5.18 6.28
N ASN A 108 -18.93 -4.11 5.51
CA ASN A 108 -19.54 -2.80 5.72
C ASN A 108 -19.23 -2.22 7.10
N ARG A 109 -18.04 -2.52 7.63
CA ARG A 109 -17.55 -1.92 8.86
C ARG A 109 -16.13 -1.44 8.59
N PHE A 110 -15.74 -0.37 9.30
CA PHE A 110 -14.37 0.15 9.30
C PHE A 110 -13.86 0.43 7.88
N PHE A 111 -12.90 -0.35 7.40
CA PHE A 111 -12.36 -0.12 6.06
C PHE A 111 -13.20 -0.74 4.96
N MET A 112 -14.04 -1.71 5.29
CA MET A 112 -14.77 -2.45 4.28
C MET A 112 -16.15 -1.86 3.99
N LEU A 113 -16.29 -0.53 3.84
CA LEU A 113 -17.61 0.05 3.62
C LEU A 113 -18.17 -0.32 2.24
N TRP A 114 -19.46 -0.65 2.20
CA TRP A 114 -20.12 -1.04 0.96
C TRP A 114 -20.57 0.14 0.13
N SER A 115 -20.56 1.33 0.71
CA SER A 115 -20.80 2.58 0.01
C SER A 115 -19.66 3.54 0.32
N GLY A 116 -19.26 4.34 -0.66
CA GLY A 116 -18.24 5.33 -0.34
C GLY A 116 -18.75 6.63 0.27
N GLU A 117 -20.07 6.74 0.48
N GLU A 117 -20.07 6.79 0.48
CA GLU A 117 -20.70 8.02 0.79
CA GLU A 117 -20.60 8.13 0.74
C GLU A 117 -20.07 8.71 1.99
C GLU A 117 -20.06 8.75 2.02
N THR A 118 -19.77 7.96 3.06
CA THR A 118 -19.26 8.55 4.29
C THR A 118 -17.75 8.72 4.33
N MET A 119 -17.02 8.20 3.36
CA MET A 119 -15.56 8.28 3.42
C MET A 119 -15.08 9.71 3.29
N THR A 120 -13.98 10.02 4.00
CA THR A 120 -13.41 11.37 3.93
C THR A 120 -13.04 11.75 2.49
N ASN A 121 -12.53 10.79 1.71
CA ASN A 121 -12.16 11.09 0.33
C ASN A 121 -13.39 11.42 -0.52
N THR A 122 -14.47 10.65 -0.39
CA THR A 122 -15.71 10.96 -1.11
C THR A 122 -16.24 12.34 -0.75
N GLN A 123 -16.28 12.65 0.55
CA GLN A 123 -16.74 13.96 1.00
C GLN A 123 -15.90 15.09 0.38
N LEU A 124 -14.56 14.93 0.40
CA LEU A 124 -13.69 15.98 -0.14
C LEU A 124 -13.96 16.22 -1.62
N TRP A 125 -14.23 15.15 -2.37
CA TRP A 125 -14.43 15.22 -3.81
C TRP A 125 -15.89 15.43 -4.22
N ALA A 126 -16.82 15.46 -3.27
CA ALA A 126 -18.24 15.54 -3.62
C ALA A 126 -18.58 16.62 -4.64
N PRO A 127 -17.99 17.84 -4.61
CA PRO A 127 -18.40 18.86 -5.60
C PRO A 127 -18.22 18.44 -7.05
N VAL A 128 -17.31 17.51 -7.33
CA VAL A 128 -17.11 17.08 -8.71
C VAL A 128 -18.23 16.14 -9.15
N GLY A 129 -18.85 15.44 -8.21
CA GLY A 129 -19.97 14.59 -8.52
C GLY A 129 -19.65 13.27 -9.20
N LEU A 130 -18.39 12.81 -9.14
CA LEU A 130 -18.02 11.61 -9.90
C LEU A 130 -18.84 10.40 -9.47
N ASP A 131 -19.14 10.29 -8.18
CA ASP A 131 -19.90 9.15 -7.69
C ASP A 131 -21.40 9.28 -7.93
N ARG A 132 -21.88 10.46 -8.35
N ARG A 132 -21.88 10.45 -8.37
CA ARG A 132 -23.30 10.64 -8.65
CA ARG A 132 -23.30 10.65 -8.64
C ARG A 132 -23.60 10.74 -10.13
C ARG A 132 -23.60 10.77 -10.12
N ARG A 133 -22.59 10.95 -10.98
CA ARG A 133 -22.77 11.08 -12.41
C ARG A 133 -22.90 9.70 -13.05
N PRO A 134 -23.86 9.49 -13.96
CA PRO A 134 -23.99 8.17 -14.58
C PRO A 134 -22.74 7.80 -15.35
N PRO A 135 -22.49 6.51 -15.55
CA PRO A 135 -21.25 6.10 -16.26
C PRO A 135 -21.15 6.74 -17.64
N ASP A 136 -19.95 7.22 -17.97
CA ASP A 136 -19.63 7.66 -19.31
C ASP A 136 -19.07 6.54 -20.18
N THR A 137 -18.76 5.38 -19.59
CA THR A 137 -18.32 4.22 -20.34
C THR A 137 -19.12 3.00 -19.89
N THR A 138 -19.74 2.32 -20.85
CA THR A 138 -20.42 1.05 -20.58
C THR A 138 -19.82 -0.12 -21.34
N ASP A 139 -18.87 0.13 -22.22
CA ASP A 139 -18.20 -0.90 -23.00
C ASP A 139 -17.34 -1.77 -22.09
N PRO A 140 -17.68 -3.05 -21.90
CA PRO A 140 -16.88 -3.90 -20.98
C PRO A 140 -15.43 -4.02 -21.39
N VAL A 141 -15.12 -3.90 -22.68
CA VAL A 141 -13.73 -4.00 -23.14
C VAL A 141 -12.91 -2.82 -22.62
N GLU A 142 -13.42 -1.60 -22.81
CA GLU A 142 -12.71 -0.43 -22.29
C GLU A 142 -12.72 -0.43 -20.76
N LEU A 143 -13.82 -0.85 -20.15
CA LEU A 143 -13.89 -0.85 -18.68
C LEU A 143 -12.89 -1.84 -18.10
N THR A 144 -12.69 -2.98 -18.77
CA THR A 144 -11.74 -3.95 -18.25
C THR A 144 -10.32 -3.39 -18.30
N ASN A 145 -9.97 -2.71 -19.38
CA ASN A 145 -8.64 -2.11 -19.46
C ASN A 145 -8.46 -1.03 -18.38
N TYR A 146 -9.47 -0.16 -18.23
CA TYR A 146 -9.39 0.89 -17.21
C TYR A 146 -9.26 0.31 -15.80
N VAL A 147 -10.10 -0.66 -15.46
CA VAL A 147 -10.10 -1.13 -14.08
C VAL A 147 -8.84 -1.96 -13.78
N LYS A 148 -8.30 -2.67 -14.78
CA LYS A 148 -7.07 -3.41 -14.52
C LYS A 148 -5.87 -2.47 -14.38
N PHE A 149 -5.82 -1.39 -15.17
CA PHE A 149 -4.78 -0.39 -14.99
C PHE A 149 -4.87 0.20 -13.57
N ALA A 150 -6.08 0.58 -13.16
CA ALA A 150 -6.26 1.09 -11.80
C ALA A 150 -5.85 0.06 -10.74
N ALA A 151 -6.15 -1.22 -10.98
CA ALA A 151 -5.78 -2.26 -10.02
C ALA A 151 -4.28 -2.33 -9.84
N ARG A 152 -3.51 -2.17 -10.91
CA ARG A 152 -2.07 -2.22 -10.78
C ARG A 152 -1.56 -1.00 -10.01
N MET A 153 -2.11 0.19 -10.30
CA MET A 153 -1.76 1.36 -9.49
C MET A 153 -2.08 1.12 -8.02
N ALA A 154 -3.15 0.38 -7.74
CA ALA A 154 -3.60 0.15 -6.37
C ALA A 154 -2.84 -0.99 -5.67
N GLY A 155 -1.76 -1.52 -6.26
CA GLY A 155 -0.92 -2.46 -5.56
C GLY A 155 -1.11 -3.93 -5.90
N ALA A 156 -1.96 -4.26 -6.87
CA ALA A 156 -2.11 -5.65 -7.27
C ALA A 156 -0.91 -6.05 -8.14
N ASP A 157 -0.32 -7.19 -7.84
CA ASP A 157 0.68 -7.79 -8.73
C ASP A 157 0.04 -8.65 -9.81
N LEU A 158 -1.11 -9.25 -9.49
CA LEU A 158 -1.94 -9.99 -10.44
C LEU A 158 -3.36 -9.44 -10.35
N VAL A 159 -4.06 -9.42 -11.46
CA VAL A 159 -5.48 -9.05 -11.43
C VAL A 159 -6.23 -9.87 -12.46
N GLY A 160 -7.42 -10.31 -12.12
CA GLY A 160 -8.26 -11.03 -13.06
C GLY A 160 -9.72 -10.77 -12.78
N VAL A 161 -10.57 -11.09 -13.77
CA VAL A 161 -12.01 -10.85 -13.69
C VAL A 161 -12.75 -12.18 -13.90
N ALA A 162 -13.78 -12.41 -13.09
CA ALA A 162 -14.69 -13.54 -13.31
C ALA A 162 -16.13 -13.09 -13.11
N ARG A 163 -17.06 -13.78 -13.78
CA ARG A 163 -18.45 -13.68 -13.33
C ARG A 163 -18.53 -14.16 -11.88
N LEU A 164 -19.39 -13.51 -11.11
CA LEU A 164 -19.55 -13.88 -9.70
C LEU A 164 -20.32 -15.19 -9.60
N ASN A 165 -19.69 -16.19 -8.99
CA ASN A 165 -20.33 -17.48 -8.69
C ASN A 165 -20.77 -17.41 -7.23
N ARG A 166 -22.09 -17.36 -7.02
CA ARG A 166 -22.61 -17.19 -5.66
C ARG A 166 -22.34 -18.40 -4.77
N ASN A 167 -21.95 -19.54 -5.35
CA ASN A 167 -21.62 -20.70 -4.53
C ASN A 167 -20.50 -20.39 -3.55
N TRP A 168 -19.61 -19.45 -3.90
CA TRP A 168 -18.46 -19.15 -3.06
C TRP A 168 -18.69 -17.97 -2.13
N VAL A 169 -19.84 -17.30 -2.23
CA VAL A 169 -20.19 -16.23 -1.29
C VAL A 169 -20.73 -16.86 -0.01
N TYR A 170 -20.23 -16.41 1.14
CA TYR A 170 -20.68 -16.98 2.40
C TYR A 170 -22.19 -16.83 2.54
N SER A 171 -22.84 -17.88 3.08
CA SER A 171 -24.28 -17.78 3.32
C SER A 171 -24.59 -16.77 4.41
N GLU A 172 -23.79 -16.76 5.47
CA GLU A 172 -23.85 -15.77 6.52
C GLU A 172 -22.43 -15.30 6.81
N ALA A 173 -22.27 -13.99 7.00
CA ALA A 173 -21.00 -13.39 7.37
C ALA A 173 -20.84 -13.32 8.88
N VAL A 174 -19.59 -13.29 9.34
CA VAL A 174 -19.29 -12.88 10.70
C VAL A 174 -19.13 -11.37 10.71
N THR A 175 -19.83 -10.69 11.60
CA THR A 175 -19.75 -9.23 11.65
C THR A 175 -19.97 -8.78 13.09
N ILE A 176 -20.14 -7.47 13.27
CA ILE A 176 -20.53 -6.89 14.56
C ILE A 176 -21.69 -5.93 14.33
N PRO A 177 -22.52 -5.69 15.34
CA PRO A 177 -23.58 -4.68 15.20
C PRO A 177 -22.99 -3.32 14.90
N ALA A 178 -23.77 -2.50 14.17
CA ALA A 178 -23.27 -1.22 13.71
C ALA A 178 -22.98 -0.25 14.87
N ASP A 179 -23.60 -0.43 16.03
CA ASP A 179 -23.38 0.48 17.14
C ASP A 179 -22.27 0.04 18.08
N VAL A 180 -21.54 -1.02 17.76
CA VAL A 180 -20.51 -1.56 18.64
C VAL A 180 -19.18 -0.90 18.30
N PRO A 181 -18.51 -0.25 19.25
CA PRO A 181 -17.21 0.38 18.98
C PRO A 181 -16.12 -0.68 18.89
N TYR A 182 -14.97 -0.26 18.37
CA TYR A 182 -13.90 -1.22 18.07
C TYR A 182 -13.48 -1.99 19.32
N GLU A 183 -13.33 -1.30 20.46
CA GLU A 183 -12.82 -1.93 21.68
C GLU A 183 -13.64 -3.14 22.11
N GLN A 184 -14.92 -3.18 21.75
CA GLN A 184 -15.80 -4.30 22.09
C GLN A 184 -15.93 -5.33 20.98
N SER A 185 -15.37 -5.08 19.80
CA SER A 185 -15.71 -5.87 18.61
C SER A 185 -15.50 -7.37 18.82
N LEU A 186 -14.36 -7.75 19.41
CA LEU A 186 -14.06 -9.17 19.53
C LEU A 186 -15.01 -9.88 20.48
N HIS A 187 -15.69 -9.15 21.35
CA HIS A 187 -16.64 -9.67 22.32
C HIS A 187 -18.06 -9.75 21.79
N LYS A 188 -18.36 -9.10 20.67
CA LYS A 188 -19.73 -8.89 20.23
C LYS A 188 -19.96 -9.35 18.80
N GLU A 189 -19.16 -10.28 18.31
CA GLU A 189 -19.33 -10.75 16.95
C GLU A 189 -20.64 -11.53 16.81
N ILE A 190 -21.29 -11.38 15.65
CA ILE A 190 -22.57 -12.00 15.35
C ILE A 190 -22.49 -12.58 13.93
N GLU A 191 -23.51 -13.35 13.56
CA GLU A 191 -23.67 -13.76 12.17
C GLU A 191 -24.77 -12.95 11.52
N LYS A 192 -24.65 -12.77 10.21
CA LYS A 192 -25.66 -12.01 9.48
C LYS A 192 -25.75 -12.54 8.05
N PRO A 193 -26.94 -12.86 7.55
CA PRO A 193 -27.04 -13.45 6.21
C PRO A 193 -26.61 -12.48 5.12
N ILE A 194 -26.00 -13.04 4.08
CA ILE A 194 -25.72 -12.33 2.83
C ILE A 194 -26.74 -12.80 1.80
N VAL A 195 -27.55 -11.87 1.30
CA VAL A 195 -28.63 -12.23 0.40
C VAL A 195 -28.53 -11.40 -0.87
N PHE A 196 -29.14 -11.90 -1.93
CA PHE A 196 -29.16 -11.26 -3.23
C PHE A 196 -30.61 -10.86 -3.55
N LYS A 197 -30.83 -9.58 -3.79
CA LYS A 197 -32.18 -9.06 -3.98
C LYS A 197 -32.18 -8.05 -5.11
N ASP A 198 -33.38 -7.73 -5.60
CA ASP A 198 -33.55 -6.74 -6.65
C ASP A 198 -33.61 -5.35 -6.02
N VAL A 199 -32.42 -4.81 -5.74
CA VAL A 199 -32.27 -3.46 -5.21
C VAL A 199 -31.20 -2.76 -6.06
N PRO A 200 -31.20 -1.42 -6.07
CA PRO A 200 -30.25 -0.71 -6.95
C PRO A 200 -28.82 -0.72 -6.45
N LEU A 201 -28.61 -0.71 -5.13
CA LEU A 201 -27.28 -0.54 -4.56
C LEU A 201 -27.06 -1.50 -3.41
N PRO A 202 -25.80 -1.90 -3.16
CA PRO A 202 -25.52 -2.68 -1.95
C PRO A 202 -26.00 -1.94 -0.72
N ILE A 203 -26.67 -2.66 0.18
CA ILE A 203 -27.27 -2.02 1.34
C ILE A 203 -27.31 -3.04 2.47
N GLU A 204 -27.21 -2.55 3.70
CA GLU A 204 -27.28 -3.39 4.88
C GLU A 204 -28.49 -2.94 5.70
N THR A 205 -29.34 -3.89 6.07
CA THR A 205 -30.44 -3.63 6.99
C THR A 205 -30.08 -4.23 8.34
N ASP A 206 -30.97 -4.07 9.31
CA ASP A 206 -30.76 -4.67 10.62
C ASP A 206 -30.63 -6.19 10.51
N ASP A 207 -31.30 -6.81 9.53
CA ASP A 207 -31.36 -8.26 9.42
C ASP A 207 -30.42 -8.86 8.38
N GLU A 208 -30.08 -8.13 7.31
CA GLU A 208 -29.41 -8.74 6.17
C GLU A 208 -28.39 -7.80 5.55
N LEU A 209 -27.31 -8.40 5.03
CA LEU A 209 -26.43 -7.74 4.07
C LEU A 209 -26.94 -8.06 2.68
N ILE A 210 -27.28 -7.04 1.89
CA ILE A 210 -28.00 -7.24 0.63
C ILE A 210 -27.10 -6.86 -0.53
N ILE A 211 -26.79 -7.83 -1.38
CA ILE A 211 -26.04 -7.62 -2.60
C ILE A 211 -27.04 -7.53 -3.75
N PRO A 212 -26.97 -6.53 -4.61
CA PRO A 212 -27.92 -6.45 -5.73
C PRO A 212 -27.76 -7.62 -6.70
N ASN A 213 -28.89 -8.02 -7.27
CA ASN A 213 -28.87 -9.03 -8.33
C ASN A 213 -28.08 -8.57 -9.55
N THR A 214 -27.89 -7.26 -9.72
CA THR A 214 -27.06 -6.74 -10.79
C THR A 214 -25.56 -6.92 -10.54
N CYS A 215 -25.16 -7.48 -9.40
CA CYS A 215 -23.73 -7.56 -9.07
C CYS A 215 -23.11 -8.73 -9.84
N GLU A 216 -22.71 -8.45 -11.08
CA GLU A 216 -22.40 -9.49 -12.04
C GLU A 216 -20.99 -10.07 -11.86
N ASN A 217 -20.03 -9.27 -11.43
CA ASN A 217 -18.62 -9.59 -11.61
C ASN A 217 -17.84 -9.50 -10.31
N VAL A 218 -16.72 -10.22 -10.28
CA VAL A 218 -15.76 -10.14 -9.20
C VAL A 218 -14.38 -9.89 -9.80
N ILE A 219 -13.65 -8.93 -9.24
CA ILE A 219 -12.29 -8.61 -9.64
C ILE A 219 -11.38 -9.16 -8.55
N VAL A 220 -10.43 -10.01 -8.92
CA VAL A 220 -9.58 -10.69 -7.95
C VAL A 220 -8.16 -10.16 -8.11
N ALA A 221 -7.52 -9.82 -7.00
CA ALA A 221 -6.16 -9.31 -6.99
C ALA A 221 -5.22 -10.27 -6.27
N GLY A 222 -4.03 -10.46 -6.83
CA GLY A 222 -2.96 -11.15 -6.14
C GLY A 222 -1.93 -10.14 -5.65
N ILE A 223 -1.56 -10.27 -4.37
CA ILE A 223 -0.66 -9.38 -3.66
C ILE A 223 0.56 -10.20 -3.24
N ALA A 224 1.69 -10.03 -3.94
CA ALA A 224 2.81 -10.96 -3.78
C ALA A 224 3.52 -10.78 -2.44
N MET A 225 3.78 -11.90 -1.75
CA MET A 225 4.58 -11.88 -0.53
C MET A 225 6.06 -11.99 -0.88
N ASN A 226 6.91 -11.81 0.13
CA ASN A 226 8.36 -11.80 -0.09
C ASN A 226 8.93 -13.22 0.08
N ARG A 227 9.70 -13.66 -0.92
CA ARG A 227 10.19 -15.04 -0.94
C ARG A 227 11.16 -15.31 0.23
N GLU A 228 12.15 -14.42 0.43
CA GLU A 228 13.13 -14.67 1.48
C GLU A 228 12.47 -14.72 2.86
N MET A 229 11.46 -13.89 3.09
CA MET A 229 10.82 -13.88 4.41
C MET A 229 9.91 -15.09 4.60
N MET A 230 9.17 -15.49 3.56
CA MET A 230 8.30 -16.64 3.70
C MET A 230 9.11 -17.92 3.91
N GLN A 231 10.31 -17.98 3.33
N GLN A 231 10.32 -17.97 3.35
CA GLN A 231 11.14 -19.18 3.53
CA GLN A 231 11.15 -19.15 3.51
C GLN A 231 11.58 -19.36 4.97
C GLN A 231 11.65 -19.33 4.95
N THR A 232 11.41 -18.36 5.83
CA THR A 232 11.69 -18.53 7.25
C THR A 232 10.53 -19.16 8.00
N ALA A 233 9.44 -19.51 7.33
CA ALA A 233 8.30 -20.16 7.99
C ALA A 233 8.80 -21.39 8.74
N PRO A 234 8.26 -21.63 9.94
CA PRO A 234 7.17 -20.91 10.63
C PRO A 234 7.60 -19.74 11.52
N ASN A 235 8.77 -19.16 11.27
CA ASN A 235 9.32 -18.18 12.18
C ASN A 235 8.83 -16.77 11.88
N SER A 236 9.33 -15.79 12.64
CA SER A 236 8.64 -14.50 12.71
C SER A 236 8.66 -13.73 11.38
N MET A 237 9.70 -13.89 10.56
CA MET A 237 9.74 -13.05 9.37
C MET A 237 8.70 -13.48 8.35
N ALA A 238 8.32 -14.76 8.32
CA ALA A 238 7.18 -15.17 7.51
C ALA A 238 5.88 -14.52 7.98
N CYS A 239 5.76 -14.33 9.31
CA CYS A 239 4.60 -13.62 9.84
C CYS A 239 4.56 -12.17 9.36
N ALA A 240 5.74 -11.55 9.22
CA ALA A 240 5.79 -10.15 8.84
C ALA A 240 5.40 -9.93 7.38
N THR A 241 5.88 -10.79 6.45
CA THR A 241 5.44 -10.58 5.06
C THR A 241 3.94 -10.86 4.92
N THR A 242 3.42 -11.85 5.65
CA THR A 242 1.97 -12.06 5.71
C THR A 242 1.25 -10.78 6.14
N ALA A 243 1.70 -10.21 7.26
CA ALA A 243 0.99 -9.06 7.85
C ALA A 243 1.01 -7.84 6.92
N PHE A 244 2.19 -7.46 6.42
CA PHE A 244 2.26 -6.31 5.52
C PHE A 244 1.34 -6.47 4.31
N CYS A 245 1.19 -7.70 3.81
CA CYS A 245 0.33 -7.88 2.64
C CYS A 245 -1.15 -7.75 2.97
N TYR A 246 -1.55 -8.05 4.20
CA TYR A 246 -2.93 -7.76 4.59
C TYR A 246 -3.22 -6.27 4.52
N SER A 247 -2.27 -5.43 4.95
CA SER A 247 -2.50 -4.00 4.83
C SER A 247 -2.47 -3.56 3.37
N ARG A 248 -1.64 -4.19 2.54
CA ARG A 248 -1.69 -3.91 1.11
C ARG A 248 -3.04 -4.31 0.51
N MET A 249 -3.60 -5.43 0.97
CA MET A 249 -4.93 -5.85 0.51
C MET A 249 -5.96 -4.79 0.81
N CYS A 250 -5.93 -4.27 2.04
CA CYS A 250 -6.92 -3.29 2.45
C CYS A 250 -6.85 -2.02 1.58
N MET A 251 -5.64 -1.51 1.34
N MET A 251 -5.64 -1.51 1.38
CA MET A 251 -5.53 -0.32 0.52
CA MET A 251 -5.48 -0.34 0.51
C MET A 251 -5.96 -0.59 -0.92
C MET A 251 -5.99 -0.62 -0.89
N PHE A 252 -5.67 -1.80 -1.43
CA PHE A 252 -6.15 -2.17 -2.76
C PHE A 252 -7.66 -2.07 -2.84
N ASP A 253 -8.37 -2.73 -1.91
CA ASP A 253 -9.82 -2.74 -1.94
C ASP A 253 -10.37 -1.32 -1.93
N MET A 254 -9.85 -0.47 -1.04
CA MET A 254 -10.41 0.87 -0.90
C MET A 254 -10.13 1.70 -2.14
N TRP A 255 -8.87 1.69 -2.58
CA TRP A 255 -8.51 2.38 -3.82
C TRP A 255 -9.42 1.96 -4.98
N LEU A 256 -9.56 0.65 -5.18
CA LEU A 256 -10.25 0.18 -6.38
C LEU A 256 -11.75 0.44 -6.28
N CYS A 257 -12.33 0.26 -5.09
CA CYS A 257 -13.75 0.55 -4.93
C CYS A 257 -14.04 2.02 -5.22
N GLN A 258 -13.15 2.91 -4.76
CA GLN A 258 -13.34 4.34 -5.04
C GLN A 258 -13.24 4.63 -6.53
N PHE A 259 -12.27 4.03 -7.22
CA PHE A 259 -12.20 4.19 -8.68
C PHE A 259 -13.50 3.72 -9.34
N ILE A 260 -13.98 2.54 -8.97
CA ILE A 260 -15.19 2.01 -9.60
C ILE A 260 -16.39 2.92 -9.32
N ARG A 261 -16.51 3.40 -8.08
CA ARG A 261 -17.59 4.31 -7.73
C ARG A 261 -17.51 5.61 -8.49
N TYR A 262 -16.30 6.15 -8.64
CA TYR A 262 -16.09 7.39 -9.37
C TYR A 262 -16.25 7.21 -10.88
N MET A 263 -16.31 5.97 -11.35
CA MET A 263 -16.69 5.67 -12.73
C MET A 263 -18.20 5.53 -12.91
N GLY A 264 -18.98 5.60 -11.83
CA GLY A 264 -20.42 5.55 -11.93
C GLY A 264 -21.05 4.20 -11.65
N TYR A 265 -20.32 3.28 -11.05
CA TYR A 265 -20.80 1.95 -10.68
C TYR A 265 -20.69 1.79 -9.17
N TYR A 266 -21.16 0.67 -8.63
CA TYR A 266 -20.94 0.39 -7.22
C TYR A 266 -19.89 -0.70 -7.08
N ALA A 267 -19.38 -0.85 -5.85
CA ALA A 267 -18.26 -1.73 -5.58
C ALA A 267 -18.29 -2.14 -4.12
N ILE A 268 -18.07 -3.42 -3.87
CA ILE A 268 -18.07 -4.01 -2.54
C ILE A 268 -16.68 -4.54 -2.24
N PRO A 269 -15.97 -4.01 -1.25
CA PRO A 269 -14.67 -4.55 -0.85
C PRO A 269 -14.86 -5.82 -0.03
N SER A 270 -13.76 -6.53 0.24
CA SER A 270 -13.94 -7.73 1.08
C SER A 270 -12.71 -8.21 1.87
N CYS A 271 -11.49 -8.07 1.33
CA CYS A 271 -10.32 -8.69 1.95
C CYS A 271 -10.62 -10.16 2.29
N ASN A 272 -10.54 -10.59 3.56
CA ASN A 272 -10.82 -11.99 3.88
C ASN A 272 -12.29 -12.29 4.12
N GLY A 273 -13.18 -11.30 4.02
CA GLY A 273 -14.60 -11.52 4.20
C GLY A 273 -15.36 -11.85 2.92
N VAL A 274 -16.69 -11.96 3.08
CA VAL A 274 -17.71 -12.02 2.04
C VAL A 274 -17.74 -13.36 1.29
N GLY A 275 -16.59 -13.86 0.86
CA GLY A 275 -16.58 -15.14 0.16
C GLY A 275 -15.19 -15.74 0.09
N GLN A 276 -15.10 -16.91 -0.56
CA GLN A 276 -13.89 -17.73 -0.56
C GLN A 276 -12.97 -17.29 -1.70
N SER A 277 -11.87 -16.64 -1.33
CA SER A 277 -10.96 -16.02 -2.29
C SER A 277 -10.32 -17.02 -3.24
N VAL A 278 -9.98 -18.22 -2.76
CA VAL A 278 -9.29 -19.18 -3.62
C VAL A 278 -10.18 -19.57 -4.80
N ALA A 279 -11.48 -19.81 -4.54
CA ALA A 279 -12.39 -20.17 -5.62
C ALA A 279 -12.53 -19.04 -6.64
N PHE A 280 -12.70 -17.80 -6.16
CA PHE A 280 -12.80 -16.68 -7.09
C PHE A 280 -11.52 -16.56 -7.91
N ALA A 281 -10.36 -16.71 -7.25
CA ALA A 281 -9.08 -16.60 -7.96
C ALA A 281 -8.95 -17.65 -9.05
N VAL A 282 -9.38 -18.88 -8.79
CA VAL A 282 -9.35 -19.93 -9.80
C VAL A 282 -10.26 -19.58 -10.98
N GLU A 283 -11.48 -19.11 -10.69
CA GLU A 283 -12.42 -18.79 -11.77
C GLU A 283 -11.98 -17.57 -12.57
N ALA A 284 -11.23 -16.65 -11.95
CA ALA A 284 -10.69 -15.49 -12.63
C ALA A 284 -9.37 -15.76 -13.32
N GLY A 285 -8.86 -16.99 -13.24
CA GLY A 285 -7.65 -17.35 -13.96
C GLY A 285 -6.34 -16.93 -13.36
N LEU A 286 -6.29 -16.54 -12.09
CA LEU A 286 -5.00 -16.22 -11.48
C LEU A 286 -4.15 -17.47 -11.33
N GLY A 287 -4.77 -18.62 -11.10
CA GLY A 287 -4.02 -19.84 -10.89
C GLY A 287 -4.94 -21.02 -10.75
N GLN A 288 -4.39 -22.11 -10.18
CA GLN A 288 -5.14 -23.34 -9.94
C GLN A 288 -5.14 -23.70 -8.46
N ALA A 289 -6.20 -24.37 -8.03
CA ALA A 289 -6.22 -24.95 -6.68
C ALA A 289 -5.16 -26.03 -6.56
N SER A 290 -4.78 -26.32 -5.31
CA SER A 290 -3.59 -27.12 -5.03
C SER A 290 -3.88 -28.08 -3.87
N ARG A 291 -2.95 -29.02 -3.65
CA ARG A 291 -3.11 -29.94 -2.52
C ARG A 291 -3.22 -29.19 -1.20
N MET A 292 -2.34 -28.20 -0.97
CA MET A 292 -2.45 -27.49 0.30
C MET A 292 -3.75 -26.70 0.40
N GLY A 293 -4.36 -26.37 -0.74
CA GLY A 293 -5.65 -25.69 -0.77
C GLY A 293 -5.58 -24.25 -1.24
N ALA A 294 -4.38 -23.70 -1.39
CA ALA A 294 -4.20 -22.36 -1.90
C ALA A 294 -4.28 -22.32 -3.43
N CYS A 295 -4.48 -21.12 -3.95
CA CYS A 295 -4.33 -20.87 -5.38
C CYS A 295 -2.84 -20.77 -5.73
N ILE A 296 -2.34 -21.63 -6.62
CA ILE A 296 -0.96 -21.59 -7.07
C ILE A 296 -0.92 -20.82 -8.38
N THR A 297 -0.07 -19.75 -8.44
CA THR A 297 0.04 -18.90 -9.61
C THR A 297 1.33 -19.21 -10.35
N PRO A 298 1.39 -18.98 -11.66
CA PRO A 298 2.66 -19.23 -12.37
C PRO A 298 3.77 -18.32 -11.89
N GLU A 299 3.44 -17.10 -11.45
CA GLU A 299 4.47 -16.11 -11.13
C GLU A 299 5.01 -16.30 -9.72
N PHE A 300 4.16 -16.65 -8.76
CA PHE A 300 4.53 -16.65 -7.36
C PHE A 300 4.27 -17.98 -6.66
N GLY A 301 3.75 -18.98 -7.37
CA GLY A 301 3.26 -20.17 -6.72
C GLY A 301 2.16 -19.75 -5.77
N PRO A 302 2.07 -20.42 -4.61
CA PRO A 302 1.09 -20.03 -3.59
C PRO A 302 1.51 -18.86 -2.73
N ASN A 303 2.73 -18.33 -2.93
CA ASN A 303 3.27 -17.28 -2.07
C ASN A 303 2.74 -15.90 -2.49
N VAL A 304 1.42 -15.75 -2.39
CA VAL A 304 0.73 -14.55 -2.88
C VAL A 304 -0.59 -14.48 -2.11
N ARG A 305 -0.93 -13.29 -1.61
CA ARG A 305 -2.24 -13.10 -0.98
C ARG A 305 -3.27 -12.68 -2.01
N LEU A 306 -4.53 -12.88 -1.63
CA LEU A 306 -5.69 -12.62 -2.49
C LEU A 306 -6.65 -11.66 -1.81
N THR A 307 -7.20 -10.74 -2.58
CA THR A 307 -8.38 -10.02 -2.15
C THR A 307 -9.28 -9.87 -3.36
N LYS A 308 -10.49 -9.35 -3.17
CA LYS A 308 -11.42 -9.27 -4.29
C LYS A 308 -12.43 -8.16 -4.06
N VAL A 309 -12.98 -7.66 -5.17
CA VAL A 309 -13.98 -6.60 -5.16
C VAL A 309 -15.15 -7.03 -6.06
N PHE A 310 -16.38 -6.81 -5.61
CA PHE A 310 -17.57 -7.22 -6.34
C PHE A 310 -18.23 -6.00 -6.95
N THR A 311 -18.70 -6.11 -8.21
CA THR A 311 -19.21 -4.90 -8.85
C THR A 311 -20.20 -5.22 -9.96
N ASN A 312 -21.04 -4.24 -10.27
CA ASN A 312 -21.90 -4.30 -11.45
C ASN A 312 -21.25 -3.72 -12.70
N MET A 313 -20.06 -3.14 -12.59
CA MET A 313 -19.33 -2.63 -13.75
C MET A 313 -19.24 -3.71 -14.85
N PRO A 314 -19.71 -3.43 -16.06
CA PRO A 314 -19.52 -4.40 -17.16
C PRO A 314 -18.04 -4.67 -17.39
N LEU A 315 -17.69 -5.96 -17.49
CA LEU A 315 -16.30 -6.37 -17.66
C LEU A 315 -16.24 -7.60 -18.55
N VAL A 316 -15.05 -7.91 -19.05
CA VAL A 316 -14.81 -9.13 -19.82
C VAL A 316 -14.16 -10.14 -18.89
N PRO A 317 -14.80 -11.28 -18.63
CA PRO A 317 -14.19 -12.30 -17.76
C PRO A 317 -12.92 -12.85 -18.40
N ASP A 318 -11.94 -13.14 -17.56
CA ASP A 318 -10.72 -13.77 -18.02
C ASP A 318 -10.93 -15.28 -18.16
N LYS A 319 -10.00 -15.93 -18.92
CA LYS A 319 -10.10 -17.38 -19.06
C LYS A 319 -9.39 -18.07 -17.89
N PRO A 320 -9.92 -19.19 -17.41
CA PRO A 320 -9.17 -19.97 -16.42
C PRO A 320 -7.86 -20.46 -17.03
N ILE A 321 -6.96 -20.90 -16.16
CA ILE A 321 -5.65 -21.36 -16.59
C ILE A 321 -5.43 -22.79 -16.08
N ASP A 322 -4.78 -23.61 -16.89
CA ASP A 322 -4.43 -24.97 -16.48
C ASP A 322 -2.99 -25.17 -16.90
N PHE A 323 -2.05 -24.99 -15.96
CA PHE A 323 -0.64 -25.24 -16.27
C PHE A 323 -0.12 -26.50 -15.57
N GLY A 324 -1.01 -27.46 -15.30
CA GLY A 324 -0.60 -28.75 -14.78
C GLY A 324 -0.50 -28.89 -13.27
N VAL A 325 -1.03 -27.93 -12.50
CA VAL A 325 -0.84 -27.97 -11.05
C VAL A 325 -1.45 -29.23 -10.47
N THR A 326 -2.67 -29.55 -10.88
CA THR A 326 -3.35 -30.73 -10.34
C THR A 326 -2.51 -31.97 -10.50
N GLU A 327 -1.90 -32.15 -11.67
CA GLU A 327 -1.12 -33.35 -11.91
C GLU A 327 0.17 -33.35 -11.10
N PHE A 328 0.77 -32.18 -10.89
CA PHE A 328 1.96 -32.11 -10.04
C PHE A 328 1.61 -32.37 -8.58
N CYS A 329 0.50 -31.78 -8.10
CA CYS A 329 0.10 -32.02 -6.71
C CYS A 329 -0.26 -33.49 -6.48
N GLU A 330 -0.74 -34.19 -7.53
N GLU A 330 -0.72 -34.18 -7.53
CA GLU A 330 -1.08 -35.60 -7.34
CA GLU A 330 -1.09 -35.59 -7.40
C GLU A 330 0.13 -36.42 -6.95
C GLU A 330 0.12 -36.43 -7.01
N THR A 331 1.32 -36.05 -7.45
CA THR A 331 2.52 -36.82 -7.18
C THR A 331 3.48 -36.16 -6.20
N CYS A 332 3.30 -34.89 -5.87
CA CYS A 332 4.32 -34.16 -5.12
C CYS A 332 4.26 -34.45 -3.61
N LYS A 333 3.22 -33.97 -2.94
CA LYS A 333 2.98 -34.19 -1.51
C LYS A 333 4.03 -33.58 -0.57
N LYS A 334 4.90 -32.67 -1.04
CA LYS A 334 5.90 -32.08 -0.14
C LYS A 334 5.25 -31.32 1.00
N CYS A 335 4.23 -30.51 0.70
CA CYS A 335 3.54 -29.78 1.77
C CYS A 335 2.97 -30.72 2.81
N ALA A 336 2.34 -31.81 2.36
CA ALA A 336 1.76 -32.78 3.31
C ALA A 336 2.84 -33.40 4.18
N ARG A 337 4.03 -33.66 3.62
CA ARG A 337 5.08 -34.30 4.41
C ARG A 337 5.73 -33.35 5.38
N GLU A 338 5.85 -32.07 5.02
CA GLU A 338 6.51 -31.10 5.87
C GLU A 338 5.57 -30.41 6.84
N CYS A 339 4.27 -30.52 6.65
CA CYS A 339 3.32 -29.81 7.52
C CYS A 339 3.55 -30.21 8.97
N PRO A 340 3.84 -29.28 9.87
CA PRO A 340 4.13 -29.66 11.27
C PRO A 340 2.94 -30.26 12.01
N SER A 341 1.71 -30.09 11.52
CA SER A 341 0.54 -30.61 12.19
C SER A 341 -0.12 -31.75 11.43
N LYS A 342 0.45 -32.17 10.29
CA LYS A 342 -0.16 -33.22 9.48
C LYS A 342 -1.57 -32.85 9.06
N ALA A 343 -1.81 -31.57 8.79
CA ALA A 343 -3.14 -31.12 8.43
C ALA A 343 -3.50 -31.42 6.97
N ILE A 344 -2.51 -31.59 6.10
CA ILE A 344 -2.74 -31.70 4.67
C ILE A 344 -2.80 -33.17 4.29
N THR A 345 -3.85 -33.55 3.57
CA THR A 345 -4.03 -34.94 3.20
C THR A 345 -3.01 -35.37 2.15
N GLU A 346 -2.61 -36.64 2.23
CA GLU A 346 -1.81 -37.27 1.18
C GLU A 346 -2.67 -38.10 0.23
N GLY A 347 -3.99 -38.13 0.42
CA GLY A 347 -4.87 -38.91 -0.40
C GLY A 347 -5.43 -38.16 -1.60
N PRO A 348 -6.42 -38.76 -2.25
CA PRO A 348 -7.00 -38.16 -3.46
C PRO A 348 -8.01 -37.08 -3.12
N ARG A 349 -8.37 -36.30 -4.14
CA ARG A 349 -9.44 -35.33 -3.99
C ARG A 349 -10.78 -36.04 -3.81
N THR A 350 -11.67 -35.43 -3.02
CA THR A 350 -13.04 -35.92 -2.86
C THR A 350 -14.00 -34.75 -2.85
N PHE A 351 -15.29 -35.07 -2.89
CA PHE A 351 -16.36 -34.09 -2.69
C PHE A 351 -16.83 -34.01 -1.23
N GLU A 352 -16.24 -34.78 -0.32
CA GLU A 352 -16.76 -34.88 1.04
C GLU A 352 -15.81 -34.18 2.00
N GLY A 353 -16.33 -33.19 2.73
CA GLY A 353 -15.49 -32.45 3.65
C GLY A 353 -14.93 -33.33 4.75
N ARG A 354 -13.72 -32.99 5.17
CA ARG A 354 -13.09 -33.68 6.28
C ARG A 354 -13.79 -33.36 7.59
N SER A 355 -14.22 -32.11 7.75
CA SER A 355 -14.88 -31.66 8.97
C SER A 355 -15.72 -30.44 8.64
N ILE A 356 -16.27 -29.81 9.68
CA ILE A 356 -17.14 -28.65 9.55
C ILE A 356 -16.45 -27.51 8.80
N HIS A 357 -15.11 -27.42 8.85
CA HIS A 357 -14.40 -26.30 8.25
C HIS A 357 -14.37 -26.35 6.73
N ASN A 358 -14.60 -27.51 6.13
CA ASN A 358 -14.60 -27.63 4.67
C ASN A 358 -16.02 -27.51 4.12
N GLN A 359 -16.12 -26.90 2.95
CA GLN A 359 -17.38 -26.86 2.20
C GLN A 359 -17.46 -28.11 1.33
N SER A 360 -18.40 -29.01 1.67
CA SER A 360 -18.63 -30.21 0.87
C SER A 360 -19.30 -29.88 -0.46
N GLY A 361 -19.17 -30.81 -1.40
CA GLY A 361 -19.81 -30.67 -2.70
C GLY A 361 -18.95 -30.05 -3.78
N LYS A 362 -17.66 -29.84 -3.54
CA LYS A 362 -16.74 -29.42 -4.58
C LYS A 362 -15.49 -30.28 -4.51
N LEU A 363 -14.97 -30.66 -5.68
CA LEU A 363 -13.83 -31.58 -5.74
C LEU A 363 -12.54 -30.83 -5.38
N GLN A 364 -11.86 -31.29 -4.34
CA GLN A 364 -10.69 -30.61 -3.81
C GLN A 364 -9.98 -31.56 -2.88
N TRP A 365 -8.72 -31.27 -2.58
CA TRP A 365 -8.04 -31.98 -1.52
C TRP A 365 -8.59 -31.48 -0.19
N GLN A 366 -9.05 -32.39 0.66
CA GLN A 366 -9.76 -32.05 1.89
C GLN A 366 -8.78 -32.09 3.05
N ASN A 367 -8.48 -30.93 3.62
CA ASN A 367 -7.49 -30.80 4.69
C ASN A 367 -8.19 -30.54 6.02
N ASP A 368 -7.50 -30.91 7.11
CA ASP A 368 -8.03 -30.71 8.46
C ASP A 368 -7.53 -29.36 8.98
N TYR A 369 -8.37 -28.34 8.91
CA TYR A 369 -7.88 -27.01 9.23
C TYR A 369 -7.90 -26.72 10.72
N ASN A 370 -8.52 -27.57 11.53
CA ASN A 370 -8.33 -27.43 12.97
C ASN A 370 -6.92 -27.85 13.37
N LYS A 371 -6.39 -28.90 12.74
CA LYS A 371 -5.00 -29.29 12.98
C LYS A 371 -4.04 -28.16 12.62
N CYS A 372 -4.23 -27.57 11.43
CA CYS A 372 -3.42 -26.40 11.04
C CYS A 372 -3.45 -25.30 12.11
N LEU A 373 -4.66 -24.83 12.45
CA LEU A 373 -4.74 -23.72 13.38
C LEU A 373 -4.13 -24.09 14.72
N GLY A 374 -4.24 -25.37 15.11
CA GLY A 374 -3.63 -25.83 16.35
C GLY A 374 -2.13 -25.59 16.43
N TYR A 375 -1.45 -25.59 15.29
CA TYR A 375 -0.01 -25.32 15.29
C TYR A 375 0.33 -23.84 15.46
N TRP A 376 -0.63 -22.94 15.25
CA TRP A 376 -0.29 -21.51 15.30
C TRP A 376 0.04 -21.06 16.72
N PRO A 377 -0.74 -21.38 17.76
CA PRO A 377 -0.29 -21.02 19.13
C PRO A 377 1.00 -21.71 19.51
N GLU A 378 1.20 -22.94 19.04
CA GLU A 378 2.42 -23.66 19.38
C GLU A 378 3.65 -22.98 18.81
N SER A 379 3.55 -22.46 17.59
CA SER A 379 4.69 -21.84 16.95
C SER A 379 4.73 -20.33 17.13
N GLY A 380 3.64 -19.72 17.63
CA GLY A 380 3.62 -18.28 17.82
C GLY A 380 3.51 -17.48 16.56
N GLY A 381 2.96 -18.05 15.50
CA GLY A 381 2.88 -17.31 14.24
C GLY A 381 1.76 -17.79 13.35
N TYR A 382 1.89 -17.58 12.04
CA TYR A 382 0.90 -18.01 11.05
C TYR A 382 1.45 -19.14 10.19
N CYS A 383 2.47 -19.85 10.70
CA CYS A 383 3.16 -20.96 10.03
C CYS A 383 3.52 -20.58 8.60
N GLY A 384 2.88 -21.21 7.60
CA GLY A 384 3.27 -21.02 6.22
C GLY A 384 4.29 -22.00 5.68
N VAL A 385 4.61 -23.06 6.42
CA VAL A 385 5.61 -24.03 5.96
C VAL A 385 5.21 -24.62 4.61
N CYS A 386 3.92 -24.90 4.43
CA CYS A 386 3.42 -25.44 3.16
C CYS A 386 3.73 -24.51 2.00
N VAL A 387 3.46 -23.20 2.15
CA VAL A 387 3.81 -22.22 1.12
C VAL A 387 5.32 -22.20 0.88
N ALA A 388 6.09 -22.20 1.97
CA ALA A 388 7.55 -22.13 1.88
C ALA A 388 8.15 -23.32 1.14
N VAL A 389 7.63 -24.53 1.37
CA VAL A 389 8.26 -25.72 0.78
C VAL A 389 7.72 -26.05 -0.60
N CYS A 390 6.63 -25.44 -1.03
CA CYS A 390 6.05 -25.77 -2.33
C CYS A 390 7.02 -25.42 -3.45
N PRO A 391 7.31 -26.35 -4.37
CA PRO A 391 8.24 -26.02 -5.46
C PRO A 391 7.82 -24.80 -6.26
N PHE A 392 6.52 -24.56 -6.39
CA PHE A 392 6.05 -23.43 -7.19
C PHE A 392 6.40 -22.10 -6.55
N THR A 393 6.69 -22.07 -5.25
CA THR A 393 7.16 -20.84 -4.60
C THR A 393 8.57 -20.45 -5.02
N LYS A 394 9.40 -21.40 -5.46
CA LYS A 394 10.71 -21.05 -6.00
C LYS A 394 10.59 -20.17 -7.24
N GLY A 395 11.48 -19.18 -7.38
CA GLY A 395 11.43 -18.30 -8.55
C GLY A 395 11.86 -18.96 -9.83
N ASN A 396 12.05 -20.26 -9.78
CA ASN A 396 13.01 -21.02 -10.53
C ASN A 396 12.39 -21.86 -11.64
N ILE A 397 11.06 -21.93 -11.72
CA ILE A 397 10.46 -23.19 -12.15
C ILE A 397 10.28 -23.33 -13.66
N TRP A 398 10.26 -22.23 -14.40
CA TRP A 398 9.82 -22.22 -15.79
C TRP A 398 11.01 -22.38 -16.73
N ILE A 399 10.89 -23.27 -17.70
CA ILE A 399 11.91 -23.39 -18.72
C ILE A 399 11.22 -23.48 -20.08
N HIS A 400 11.95 -23.07 -21.11
CA HIS A 400 11.45 -23.08 -22.47
C HIS A 400 12.28 -24.07 -23.26
N ASP A 401 11.62 -24.96 -24.00
CA ASP A 401 12.37 -26.01 -24.70
C ASP A 401 12.65 -25.67 -26.15
N GLY A 402 12.46 -24.42 -26.55
CA GLY A 402 12.56 -24.03 -27.95
C GLY A 402 11.23 -24.00 -28.69
N VAL A 403 10.23 -24.71 -28.18
CA VAL A 403 8.88 -24.68 -28.73
C VAL A 403 7.89 -24.04 -27.76
N GLU A 404 7.96 -24.40 -26.48
CA GLU A 404 6.93 -23.97 -25.54
C GLU A 404 7.51 -23.97 -24.13
N TRP A 405 6.73 -23.42 -23.19
CA TRP A 405 7.10 -23.37 -21.78
C TRP A 405 6.71 -24.67 -21.07
N LEU A 406 7.50 -25.04 -20.07
CA LEU A 406 7.21 -26.21 -19.25
C LEU A 406 7.79 -26.04 -17.84
N ILE A 407 7.30 -26.86 -16.93
N ILE A 407 7.28 -26.85 -16.93
CA ILE A 407 7.76 -26.87 -15.54
CA ILE A 407 7.75 -26.88 -15.54
C ILE A 407 8.93 -27.84 -15.41
C ILE A 407 8.94 -27.82 -15.44
N ASP A 408 9.99 -27.38 -14.76
CA ASP A 408 11.18 -28.21 -14.51
C ASP A 408 10.89 -29.24 -13.42
N ASN A 409 10.76 -30.52 -13.79
CA ASN A 409 10.48 -31.57 -12.82
C ASN A 409 11.58 -31.74 -11.78
N THR A 410 12.79 -31.24 -12.05
CA THR A 410 13.87 -31.43 -11.08
C THR A 410 13.53 -30.75 -9.75
N ARG A 411 12.73 -29.67 -9.79
CA ARG A 411 12.31 -28.97 -8.58
C ARG A 411 11.44 -29.80 -7.65
N PHE A 412 10.86 -30.88 -8.15
CA PHE A 412 9.93 -31.66 -7.35
C PHE A 412 10.58 -32.90 -6.77
N LEU A 413 11.87 -33.14 -7.05
CA LEU A 413 12.57 -34.29 -6.49
C LEU A 413 12.67 -34.18 -4.98
N ASP A 414 12.34 -35.27 -4.28
CA ASP A 414 12.37 -35.23 -2.82
C ASP A 414 12.99 -36.49 -2.21
N PRO A 415 14.23 -36.37 -1.72
CA PRO A 415 14.93 -35.10 -1.52
C PRO A 415 15.53 -34.50 -2.79
N LEU A 416 15.87 -33.21 -2.73
CA LEU A 416 16.60 -32.60 -3.82
C LEU A 416 17.99 -33.19 -3.92
N MET A 417 18.43 -33.43 -5.16
CA MET A 417 19.73 -34.02 -5.40
C MET A 417 20.80 -32.94 -5.49
N ASN A 431 18.96 -18.20 7.49
CA ASN A 431 18.59 -17.81 8.84
C ASN A 431 18.02 -16.39 8.83
N ILE A 432 17.39 -15.98 9.93
CA ILE A 432 16.68 -14.70 9.94
C ILE A 432 17.65 -13.51 10.02
N THR A 433 18.80 -13.65 10.67
CA THR A 433 19.83 -12.62 10.60
C THR A 433 20.19 -12.29 9.14
N GLU A 434 20.39 -13.33 8.31
CA GLU A 434 20.76 -13.11 6.93
C GLU A 434 19.62 -12.47 6.13
N VAL A 435 18.36 -12.69 6.53
CA VAL A 435 17.25 -11.98 5.92
C VAL A 435 17.29 -10.50 6.27
N TRP A 436 17.43 -10.18 7.56
CA TRP A 436 17.53 -8.78 7.96
C TRP A 436 18.71 -8.07 7.29
N ASP A 437 19.80 -8.79 7.04
CA ASP A 437 20.99 -8.21 6.44
C ASP A 437 21.01 -8.34 4.92
N GLY A 438 20.01 -8.96 4.32
CA GLY A 438 20.06 -9.35 2.94
C GLY A 438 19.21 -8.48 2.02
N LYS A 439 18.88 -9.04 0.87
CA LYS A 439 18.21 -8.30 -0.19
C LYS A 439 16.80 -7.89 0.19
N ILE A 440 16.45 -6.65 -0.15
CA ILE A 440 15.07 -6.17 -0.01
C ILE A 440 14.88 -5.05 -1.01
N ASN A 441 13.63 -4.74 -1.32
CA ASN A 441 13.28 -3.69 -2.26
C ASN A 441 11.87 -3.25 -1.90
N THR A 442 11.32 -2.32 -2.66
CA THR A 442 10.09 -1.66 -2.25
C THR A 442 8.95 -2.65 -2.11
N TYR A 443 8.23 -2.59 -0.99
CA TYR A 443 7.12 -3.51 -0.67
C TYR A 443 7.56 -4.96 -0.63
N GLY A 444 8.86 -5.21 -0.48
CA GLY A 444 9.37 -6.57 -0.53
C GLY A 444 9.34 -7.23 -1.89
N LEU A 445 9.05 -6.48 -2.96
CA LEU A 445 9.09 -7.04 -4.29
C LEU A 445 10.54 -7.28 -4.72
N ASP A 446 10.73 -8.16 -5.70
CA ASP A 446 12.05 -8.61 -6.11
C ASP A 446 12.28 -8.15 -7.55
N ALA A 447 13.25 -7.26 -7.74
CA ALA A 447 13.54 -6.75 -9.07
C ALA A 447 14.05 -7.84 -10.02
N ASP A 448 14.51 -8.98 -9.49
CA ASP A 448 14.92 -10.07 -10.38
C ASP A 448 13.74 -10.72 -11.09
N HIS A 449 12.51 -10.52 -10.59
CA HIS A 449 11.33 -11.12 -11.18
C HIS A 449 10.22 -10.12 -11.48
N PHE A 450 10.37 -8.85 -11.10
CA PHE A 450 9.30 -7.88 -11.22
C PHE A 450 8.88 -7.67 -12.67
N ARG A 451 9.79 -7.93 -13.62
CA ARG A 451 9.39 -7.88 -15.04
C ARG A 451 8.23 -8.82 -15.35
N ASP A 452 8.11 -9.91 -14.59
CA ASP A 452 7.06 -10.90 -14.85
C ASP A 452 5.67 -10.29 -14.78
N THR A 453 5.48 -9.21 -14.03
CA THR A 453 4.13 -8.66 -13.88
C THR A 453 3.95 -7.34 -14.64
N VAL A 454 4.84 -7.05 -15.60
CA VAL A 454 4.59 -5.90 -16.47
C VAL A 454 3.32 -6.15 -17.28
N SER A 455 2.60 -5.09 -17.59
CA SER A 455 1.30 -5.23 -18.26
C SER A 455 1.12 -4.18 -19.34
N PHE A 456 0.66 -4.61 -20.51
CA PHE A 456 0.21 -3.76 -21.60
C PHE A 456 -1.26 -4.07 -21.89
N ARG A 457 -1.90 -3.22 -22.68
CA ARG A 457 -3.32 -3.43 -22.96
C ARG A 457 -3.59 -4.85 -23.46
N LYS A 458 -2.69 -5.37 -24.30
CA LYS A 458 -2.95 -6.67 -24.91
C LYS A 458 -3.13 -7.77 -23.86
N ASP A 459 -2.48 -7.65 -22.70
CA ASP A 459 -2.67 -8.66 -21.67
C ASP A 459 -3.69 -8.26 -20.61
N ARG A 460 -4.25 -7.05 -20.68
CA ARG A 460 -5.37 -6.68 -19.81
C ARG A 460 -6.73 -7.05 -20.41
N VAL A 461 -6.88 -6.97 -21.73
CA VAL A 461 -8.16 -7.30 -22.32
C VAL A 461 -7.92 -7.79 -23.75
N LYS A 462 -8.70 -8.77 -24.17
CA LYS A 462 -8.52 -9.37 -25.50
C LYS A 462 -9.72 -9.01 -26.37
N ASN B 6 24.74 0.53 -11.67
CA ASN B 6 24.64 0.22 -10.24
C ASN B 6 24.47 1.51 -9.43
N ALA B 7 23.32 1.63 -8.77
CA ALA B 7 22.99 2.86 -8.05
C ALA B 7 23.70 2.97 -6.71
N ALA B 8 23.96 1.84 -6.05
CA ALA B 8 24.68 1.89 -4.79
C ALA B 8 26.10 2.41 -4.97
N GLU B 9 26.73 2.06 -6.10
CA GLU B 9 28.06 2.60 -6.39
C GLU B 9 28.00 4.10 -6.61
N ILE B 10 27.02 4.57 -7.40
CA ILE B 10 26.88 6.00 -7.67
C ILE B 10 26.75 6.78 -6.37
N ARG B 11 25.83 6.36 -5.49
CA ARG B 11 25.57 7.12 -4.28
C ARG B 11 26.78 7.18 -3.37
N GLN B 12 27.60 6.13 -3.34
CA GLN B 12 28.83 6.20 -2.56
C GLN B 12 29.86 7.09 -3.25
N GLN B 13 29.88 7.06 -4.58
CA GLN B 13 30.82 7.91 -5.32
C GLN B 13 30.59 9.38 -5.05
N PHE B 14 29.35 9.78 -4.75
CA PHE B 14 29.00 11.19 -4.63
C PHE B 14 28.73 11.61 -3.20
N ALA B 15 29.03 10.76 -2.22
CA ALA B 15 28.85 11.15 -0.84
C ALA B 15 29.73 12.34 -0.51
N MET B 16 29.15 13.30 0.21
CA MET B 16 29.91 14.41 0.76
C MET B 16 30.37 14.05 2.16
N THR B 17 31.30 14.86 2.68
CA THR B 17 31.60 14.86 4.10
C THR B 17 30.35 15.22 4.89
N ALA B 18 30.36 14.90 6.19
CA ALA B 18 29.22 15.20 7.02
C ALA B 18 28.99 16.71 7.09
N GLY B 19 27.74 17.08 7.36
CA GLY B 19 27.40 18.51 7.54
C GLY B 19 26.30 18.95 6.59
N SER B 20 25.32 19.64 7.13
CA SER B 20 24.19 20.12 6.34
C SER B 20 24.70 20.95 5.17
N PRO B 21 24.32 20.63 3.92
CA PRO B 21 24.76 21.44 2.78
C PRO B 21 23.93 22.69 2.52
N ILE B 22 22.88 22.94 3.30
CA ILE B 22 22.06 24.13 3.08
C ILE B 22 22.74 25.33 3.72
N ILE B 23 23.06 26.34 2.91
CA ILE B 23 23.75 27.53 3.39
C ILE B 23 22.72 28.51 3.95
N VAL B 24 22.93 28.95 5.18
CA VAL B 24 22.01 29.84 5.87
C VAL B 24 22.78 31.08 6.32
N ASN B 25 22.04 32.11 6.69
CA ASN B 25 22.63 33.31 7.29
C ASN B 25 21.96 33.58 8.64
N ASP B 26 22.34 34.69 9.27
CA ASP B 26 21.84 34.99 10.61
C ASP B 26 20.39 35.47 10.62
N LYS B 27 19.78 35.67 9.45
CA LYS B 27 18.39 36.12 9.35
C LYS B 27 17.38 34.99 9.42
N LEU B 28 17.82 33.75 9.21
CA LEU B 28 16.89 32.63 9.07
C LEU B 28 16.03 32.44 10.33
N GLU B 29 14.73 32.26 10.12
CA GLU B 29 13.81 31.92 11.21
C GLU B 29 12.86 30.84 10.74
N ARG B 30 12.35 30.08 11.70
CA ARG B 30 11.41 29.01 11.37
C ARG B 30 10.15 29.63 10.75
N TYR B 31 9.52 28.85 9.88
CA TYR B 31 8.52 29.33 8.94
C TYR B 31 7.14 28.84 9.38
N ALA B 32 6.17 29.76 9.45
CA ALA B 32 4.80 29.39 9.83
C ALA B 32 4.10 28.71 8.65
N GLU B 33 3.57 27.50 8.89
CA GLU B 33 2.98 26.71 7.82
C GLU B 33 1.87 27.44 7.09
N VAL B 34 1.11 28.30 7.78
CA VAL B 34 0.03 29.03 7.13
C VAL B 34 0.53 29.89 5.97
N ARG B 35 1.83 30.17 5.91
CA ARG B 35 2.37 30.99 4.83
C ARG B 35 2.42 30.29 3.48
N THR B 36 2.25 28.95 3.41
CA THR B 36 2.27 28.32 2.10
C THR B 36 1.12 28.85 1.23
N ALA B 37 1.31 28.78 -0.09
CA ALA B 37 0.30 29.27 -1.01
C ALA B 37 -1.02 28.51 -0.87
N PHE B 38 -0.95 27.22 -0.51
CA PHE B 38 -2.15 26.42 -0.31
C PHE B 38 -3.06 27.00 0.76
N THR B 39 -2.49 27.65 1.78
CA THR B 39 -3.22 28.02 2.97
C THR B 39 -3.33 29.52 3.21
N HIS B 40 -2.42 30.32 2.68
CA HIS B 40 -2.35 31.70 3.11
C HIS B 40 -3.53 32.50 2.56
N PRO B 41 -4.09 33.44 3.34
CA PRO B 41 -5.26 34.19 2.85
C PRO B 41 -5.02 34.97 1.56
N THR B 42 -3.78 35.41 1.30
CA THR B 42 -3.52 36.15 0.08
C THR B 42 -3.56 35.30 -1.18
N SER B 43 -3.41 33.97 -1.06
CA SER B 43 -3.34 33.09 -2.22
C SER B 43 -4.46 32.06 -2.29
N PHE B 44 -5.27 31.94 -1.23
CA PHE B 44 -6.19 30.82 -1.10
C PHE B 44 -7.36 30.91 -2.07
N PHE B 45 -7.83 32.13 -2.35
CA PHE B 45 -9.04 32.33 -3.16
C PHE B 45 -8.64 32.64 -4.59
N LYS B 46 -9.23 31.91 -5.54
CA LYS B 46 -8.94 32.06 -6.97
C LYS B 46 -10.25 31.95 -7.74
N PRO B 47 -10.37 32.67 -8.85
CA PRO B 47 -11.58 32.55 -9.67
C PRO B 47 -11.61 31.25 -10.45
N ASN B 48 -12.83 30.75 -10.68
CA ASN B 48 -13.01 29.63 -11.60
C ASN B 48 -13.16 30.18 -13.02
N TYR B 49 -13.46 29.30 -13.98
CA TYR B 49 -13.55 29.74 -15.38
C TYR B 49 -14.78 30.60 -15.64
N LYS B 50 -15.76 30.59 -14.75
CA LYS B 50 -16.93 31.44 -14.86
C LYS B 50 -16.73 32.82 -14.24
N GLY B 51 -15.60 33.07 -13.61
CA GLY B 51 -15.37 34.31 -12.91
C GLY B 51 -15.78 34.33 -11.45
N GLU B 52 -16.16 33.18 -10.89
CA GLU B 52 -16.57 33.09 -9.49
C GLU B 52 -15.36 32.81 -8.61
N VAL B 53 -15.18 33.62 -7.56
CA VAL B 53 -14.06 33.45 -6.63
C VAL B 53 -14.41 32.43 -5.56
N LYS B 54 -13.54 31.44 -5.38
CA LYS B 54 -13.78 30.34 -4.46
C LYS B 54 -12.44 29.92 -3.87
N PRO B 55 -12.45 29.14 -2.80
CA PRO B 55 -11.23 28.39 -2.45
C PRO B 55 -10.65 27.76 -3.71
N TRP B 56 -9.32 27.88 -3.87
CA TRP B 56 -8.70 27.54 -5.14
C TRP B 56 -9.04 26.11 -5.57
N PHE B 57 -9.11 25.17 -4.63
CA PHE B 57 -9.36 23.80 -5.05
C PHE B 57 -10.80 23.58 -5.49
N LEU B 58 -11.74 24.41 -5.03
CA LEU B 58 -13.10 24.34 -5.56
C LEU B 58 -13.18 24.93 -6.96
N SER B 59 -12.43 26.00 -7.22
CA SER B 59 -12.35 26.48 -8.60
C SER B 59 -11.72 25.44 -9.50
N ALA B 60 -10.71 24.73 -9.00
CA ALA B 60 -10.10 23.66 -9.80
C ALA B 60 -11.11 22.52 -10.05
N TYR B 61 -11.89 22.16 -9.03
CA TYR B 61 -12.98 21.20 -9.24
C TYR B 61 -13.87 21.60 -10.42
N ASP B 62 -14.25 22.88 -10.46
CA ASP B 62 -15.13 23.35 -11.54
C ASP B 62 -14.49 23.12 -12.91
N GLU B 63 -13.17 23.31 -13.00
CA GLU B 63 -12.50 23.06 -14.27
C GLU B 63 -12.49 21.57 -14.63
N LYS B 64 -12.31 20.69 -13.64
CA LYS B 64 -12.35 19.26 -13.92
C LYS B 64 -13.72 18.85 -14.47
N VAL B 65 -14.80 19.34 -13.87
CA VAL B 65 -16.15 19.04 -14.36
C VAL B 65 -16.31 19.54 -15.78
N ARG B 66 -15.92 20.79 -16.03
CA ARG B 66 -16.02 21.37 -17.37
C ARG B 66 -15.23 20.53 -18.38
N GLN B 67 -14.05 20.05 -17.99
CA GLN B 67 -13.24 19.25 -18.92
C GLN B 67 -13.92 17.93 -19.24
N ILE B 68 -14.46 17.25 -18.22
CA ILE B 68 -15.15 15.98 -18.46
C ILE B 68 -16.32 16.20 -19.42
N GLU B 69 -17.15 17.21 -19.13
CA GLU B 69 -18.27 17.52 -20.00
C GLU B 69 -17.81 17.78 -21.43
N ASN B 70 -16.64 18.41 -21.58
CA ASN B 70 -16.11 18.76 -22.90
C ASN B 70 -15.17 17.70 -23.47
N GLY B 71 -15.08 16.53 -22.84
CA GLY B 71 -14.24 15.45 -23.32
C GLY B 71 -12.77 15.83 -23.44
N GLU B 72 -12.23 16.41 -22.37
CA GLU B 72 -10.84 16.87 -22.32
C GLU B 72 -10.13 16.26 -21.13
N ASN B 73 -8.83 15.98 -21.29
CA ASN B 73 -7.97 15.47 -20.23
C ASN B 73 -7.18 16.57 -19.53
N GLY B 74 -7.31 17.79 -19.98
CA GLY B 74 -6.51 18.88 -19.47
C GLY B 74 -6.88 20.13 -20.24
N PRO B 75 -6.24 21.26 -19.92
CA PRO B 75 -6.59 22.52 -20.59
C PRO B 75 -6.22 22.42 -22.06
N LYS B 76 -7.18 22.71 -22.94
CA LYS B 76 -6.97 22.65 -24.39
C LYS B 76 -6.49 21.27 -24.85
N MET B 77 -6.79 20.20 -24.11
CA MET B 77 -6.30 18.87 -24.47
C MET B 77 -7.50 17.94 -24.60
N LYS B 78 -7.91 17.71 -25.85
CA LYS B 78 -9.02 16.81 -26.12
C LYS B 78 -8.66 15.39 -25.73
N ALA B 79 -9.60 14.73 -25.06
CA ALA B 79 -9.48 13.31 -24.77
C ALA B 79 -9.98 12.50 -25.96
N LYS B 80 -9.74 11.19 -25.91
CA LYS B 80 -10.30 10.32 -26.94
C LYS B 80 -11.82 10.45 -27.01
N ASN B 81 -12.45 10.61 -25.85
CA ASN B 81 -13.89 10.78 -25.73
C ASN B 81 -14.17 11.16 -24.28
N VAL B 82 -15.45 11.38 -23.98
CA VAL B 82 -15.83 11.75 -22.62
C VAL B 82 -15.52 10.63 -21.64
N GLY B 83 -15.67 9.38 -22.06
CA GLY B 83 -15.33 8.27 -21.17
C GLY B 83 -13.89 8.30 -20.70
N GLU B 84 -12.95 8.54 -21.62
CA GLU B 84 -11.56 8.65 -21.21
C GLU B 84 -11.34 9.82 -20.24
N ALA B 85 -11.94 10.97 -20.52
CA ALA B 85 -11.80 12.12 -19.64
C ALA B 85 -12.27 11.77 -18.23
N ARG B 86 -13.45 11.15 -18.13
CA ARG B 86 -14.01 10.72 -16.85
C ARG B 86 -13.08 9.76 -16.12
N ALA B 87 -12.52 8.79 -16.85
CA ALA B 87 -11.68 7.77 -16.21
C ALA B 87 -10.43 8.39 -15.60
N GLY B 88 -9.85 9.39 -16.25
CA GLY B 88 -8.66 10.02 -15.69
C GLY B 88 -8.96 10.73 -14.38
N ARG B 89 -10.11 11.40 -14.31
CA ARG B 89 -10.47 12.09 -13.08
C ARG B 89 -10.91 11.10 -12.00
N ALA B 90 -11.59 10.01 -12.39
CA ALA B 90 -11.92 8.96 -11.42
C ALA B 90 -10.65 8.37 -10.80
N LEU B 91 -9.62 8.13 -11.62
CA LEU B 91 -8.38 7.58 -11.12
C LEU B 91 -7.69 8.55 -10.15
N GLU B 92 -7.63 9.82 -10.54
CA GLU B 92 -7.07 10.86 -9.68
C GLU B 92 -7.79 10.93 -8.34
N ALA B 93 -9.12 11.04 -8.36
CA ALA B 93 -9.88 11.16 -7.12
C ALA B 93 -9.67 9.93 -6.24
N ALA B 94 -9.67 8.73 -6.85
CA ALA B 94 -9.47 7.52 -6.07
C ALA B 94 -8.09 7.47 -5.40
N GLY B 95 -7.08 8.02 -6.07
CA GLY B 95 -5.72 7.92 -5.56
C GLY B 95 -5.57 8.53 -4.18
N TRP B 96 -6.37 9.55 -3.88
CA TRP B 96 -6.33 10.30 -2.62
C TRP B 96 -7.03 9.59 -1.45
N THR B 97 -7.45 8.33 -1.62
CA THR B 97 -8.32 7.69 -0.63
C THR B 97 -7.76 7.75 0.79
N LEU B 98 -6.45 7.56 0.95
CA LEU B 98 -5.85 7.49 2.29
C LEU B 98 -5.15 8.80 2.65
N ASP B 99 -5.72 9.93 2.25
CA ASP B 99 -5.13 11.24 2.51
C ASP B 99 -6.23 12.23 2.90
N ILE B 100 -5.95 13.07 3.90
CA ILE B 100 -6.92 14.03 4.42
C ILE B 100 -6.63 15.41 3.86
N ASN B 101 -7.62 16.00 3.16
CA ASN B 101 -7.60 17.40 2.69
C ASN B 101 -6.28 17.77 2.03
N TYR B 102 -5.79 16.87 1.17
CA TYR B 102 -4.66 17.12 0.27
C TYR B 102 -3.37 17.36 1.06
N GLY B 103 -2.91 16.28 1.69
CA GLY B 103 -1.56 16.27 2.22
C GLY B 103 -1.39 15.83 3.67
N ASN B 104 -2.49 15.55 4.39
CA ASN B 104 -2.39 15.07 5.77
C ASN B 104 -1.60 16.03 6.66
N ILE B 105 -1.78 17.35 6.47
CA ILE B 105 -0.91 18.28 7.19
C ILE B 105 -1.29 18.46 8.66
N TYR B 106 -2.56 18.26 9.07
CA TYR B 106 -2.92 18.50 10.49
C TYR B 106 -2.17 17.50 11.37
N PRO B 107 -1.27 17.94 12.24
CA PRO B 107 -0.53 16.98 13.06
C PRO B 107 -1.43 16.40 14.14
N ASN B 108 -1.23 15.11 14.41
CA ASN B 108 -1.93 14.40 15.48
C ASN B 108 -3.45 14.41 15.27
N ARG B 109 -3.87 14.31 14.01
CA ARG B 109 -5.27 14.17 13.64
C ARG B 109 -5.37 13.05 12.60
N PHE B 110 -6.52 12.36 12.59
CA PHE B 110 -6.85 11.35 11.58
C PHE B 110 -5.74 10.30 11.45
N PHE B 111 -5.04 10.23 10.32
CA PHE B 111 -3.98 9.23 10.15
C PHE B 111 -2.66 9.62 10.80
N MET B 112 -2.46 10.89 11.15
CA MET B 112 -1.17 11.41 11.61
C MET B 112 -1.06 11.45 13.13
N LEU B 113 -1.50 10.40 13.84
CA LEU B 113 -1.46 10.44 15.29
C LEU B 113 -0.03 10.37 15.82
N TRP B 114 0.26 11.18 16.83
CA TRP B 114 1.59 11.23 17.41
C TRP B 114 1.85 10.14 18.45
N SER B 115 0.80 9.45 18.89
CA SER B 115 0.91 8.24 19.71
C SER B 115 0.14 7.11 19.04
N GLY B 116 0.63 5.88 19.21
CA GLY B 116 -0.10 4.73 18.69
C GLY B 116 -1.20 4.20 19.58
N GLU B 117 -1.39 4.79 20.77
CA GLU B 117 -2.15 4.13 21.83
C GLU B 117 -3.61 3.86 21.45
N THR B 118 -4.25 4.77 20.73
CA THR B 118 -5.65 4.58 20.35
C THR B 118 -5.87 3.84 19.04
N MET B 119 -4.81 3.51 18.30
CA MET B 119 -4.99 2.85 17.01
C MET B 119 -5.56 1.45 17.16
N THR B 120 -6.37 1.02 16.17
CA THR B 120 -6.96 -0.32 16.24
C THR B 120 -5.88 -1.40 16.26
N ASN B 121 -4.80 -1.21 15.52
CA ASN B 121 -3.72 -2.20 15.48
C ASN B 121 -3.03 -2.31 16.85
N THR B 122 -2.73 -1.17 17.47
CA THR B 122 -2.13 -1.17 18.80
C THR B 122 -3.03 -1.88 19.81
N GLN B 123 -4.33 -1.59 19.77
CA GLN B 123 -5.25 -2.22 20.72
C GLN B 123 -5.30 -3.73 20.54
N LEU B 124 -5.31 -4.19 19.28
CA LEU B 124 -5.35 -5.61 19.01
C LEU B 124 -4.09 -6.32 19.52
N TRP B 125 -2.95 -5.65 19.41
CA TRP B 125 -1.65 -6.19 19.80
C TRP B 125 -1.29 -5.91 21.26
N ALA B 126 -2.16 -5.23 22.00
CA ALA B 126 -1.82 -4.83 23.36
C ALA B 126 -1.34 -5.96 24.27
N PRO B 127 -1.92 -7.16 24.27
CA PRO B 127 -1.43 -8.20 25.18
C PRO B 127 0.04 -8.55 24.98
N VAL B 128 0.60 -8.30 23.79
CA VAL B 128 2.03 -8.60 23.61
C VAL B 128 2.89 -7.52 24.28
N GLY B 129 2.40 -6.29 24.37
CA GLY B 129 3.11 -5.24 25.07
C GLY B 129 4.33 -4.67 24.37
N LEU B 130 4.40 -4.75 23.04
CA LEU B 130 5.58 -4.28 22.33
C LEU B 130 5.77 -2.78 22.47
N ASP B 131 4.68 -2.04 22.50
CA ASP B 131 4.80 -0.60 22.65
C ASP B 131 5.08 -0.18 24.09
N ARG B 132 4.94 -1.08 25.07
CA ARG B 132 5.23 -0.76 26.47
C ARG B 132 6.60 -1.24 26.92
N ARG B 133 7.20 -2.16 26.20
CA ARG B 133 8.44 -2.81 26.59
C ARG B 133 9.62 -1.91 26.25
N PRO B 134 10.56 -1.69 27.18
CA PRO B 134 11.74 -0.89 26.85
C PRO B 134 12.45 -1.47 25.64
N PRO B 135 13.23 -0.65 24.91
CA PRO B 135 13.95 -1.18 23.75
C PRO B 135 14.88 -2.33 24.13
N ASP B 136 14.90 -3.37 23.30
CA ASP B 136 15.93 -4.38 23.45
C ASP B 136 17.18 -4.06 22.65
N THR B 137 17.12 -3.06 21.79
CA THR B 137 18.26 -2.67 20.94
C THR B 137 18.43 -1.17 21.05
N THR B 138 19.63 -0.75 21.41
CA THR B 138 19.97 0.67 21.46
C THR B 138 21.15 1.03 20.56
N ASP B 139 21.78 0.04 19.96
CA ASP B 139 22.88 0.21 19.01
C ASP B 139 22.38 0.92 17.75
N PRO B 140 22.84 2.14 17.46
CA PRO B 140 22.34 2.85 16.28
C PRO B 140 22.65 2.16 14.95
N VAL B 141 23.71 1.35 14.88
CA VAL B 141 24.03 0.64 13.65
C VAL B 141 22.95 -0.40 13.36
N GLU B 142 22.63 -1.23 14.36
CA GLU B 142 21.61 -2.26 14.13
C GLU B 142 20.23 -1.63 13.91
N LEU B 143 19.92 -0.58 14.66
CA LEU B 143 18.62 0.07 14.52
C LEU B 143 18.46 0.68 13.14
N THR B 144 19.54 1.29 12.62
CA THR B 144 19.48 1.85 11.27
C THR B 144 19.20 0.76 10.25
N ASN B 145 19.85 -0.40 10.38
CA ASN B 145 19.57 -1.49 9.46
C ASN B 145 18.13 -1.97 9.60
N TYR B 146 17.66 -2.17 10.83
CA TYR B 146 16.29 -2.64 11.05
C TYR B 146 15.26 -1.66 10.48
N VAL B 147 15.41 -0.37 10.80
CA VAL B 147 14.36 0.58 10.43
C VAL B 147 14.39 0.83 8.92
N LYS B 148 15.54 0.74 8.28
CA LYS B 148 15.58 0.90 6.83
C LYS B 148 14.96 -0.30 6.12
N PHE B 149 15.22 -1.51 6.61
CA PHE B 149 14.51 -2.69 6.07
C PHE B 149 13.00 -2.50 6.20
N ALA B 150 12.54 -2.11 7.39
CA ALA B 150 11.11 -1.85 7.57
C ALA B 150 10.61 -0.75 6.63
N ALA B 151 11.40 0.30 6.43
CA ALA B 151 10.97 1.38 5.54
C ALA B 151 10.73 0.87 4.13
N ARG B 152 11.55 -0.08 3.66
CA ARG B 152 11.35 -0.63 2.32
C ARG B 152 10.10 -1.50 2.29
N MET B 153 9.88 -2.32 3.32
CA MET B 153 8.62 -3.07 3.42
C MET B 153 7.43 -2.12 3.38
N ALA B 154 7.58 -0.96 4.02
CA ALA B 154 6.52 0.03 4.13
C ALA B 154 6.32 0.88 2.86
N GLY B 155 7.03 0.61 1.77
CA GLY B 155 6.74 1.26 0.50
C GLY B 155 7.67 2.38 0.07
N ALA B 156 8.73 2.66 0.83
CA ALA B 156 9.74 3.63 0.39
C ALA B 156 10.58 3.04 -0.73
N ASP B 157 10.79 3.82 -1.79
CA ASP B 157 11.77 3.48 -2.81
C ASP B 157 13.15 4.02 -2.46
N LEU B 158 13.23 5.11 -1.70
CA LEU B 158 14.46 5.63 -1.11
C LEU B 158 14.23 5.85 0.37
N VAL B 159 15.28 5.69 1.18
CA VAL B 159 15.18 6.05 2.60
C VAL B 159 16.52 6.61 3.08
N GLY B 160 16.45 7.67 3.88
CA GLY B 160 17.63 8.25 4.47
C GLY B 160 17.35 8.75 5.87
N VAL B 161 18.43 8.97 6.60
CA VAL B 161 18.39 9.40 7.99
C VAL B 161 19.24 10.66 8.15
N ALA B 162 18.73 11.63 8.90
CA ALA B 162 19.50 12.82 9.26
C ALA B 162 19.20 13.18 10.72
N ARG B 163 20.14 13.88 11.35
CA ARG B 163 19.79 14.59 12.57
C ARG B 163 18.72 15.61 12.25
N LEU B 164 17.82 15.84 13.20
CA LEU B 164 16.72 16.76 12.98
C LEU B 164 17.23 18.20 13.10
N ASN B 165 17.13 18.95 12.00
CA ASN B 165 17.42 20.38 11.99
C ASN B 165 16.12 21.14 12.24
N ARG B 166 16.01 21.78 13.41
CA ARG B 166 14.77 22.45 13.76
C ARG B 166 14.45 23.65 12.89
N ASN B 167 15.41 24.16 12.11
CA ASN B 167 15.16 25.26 11.19
C ASN B 167 14.07 24.93 10.17
N TRP B 168 13.91 23.66 9.84
CA TRP B 168 12.96 23.27 8.82
C TRP B 168 11.63 22.80 9.40
N VAL B 169 11.51 22.77 10.73
CA VAL B 169 10.25 22.45 11.38
C VAL B 169 9.41 23.71 11.41
N TYR B 170 8.14 23.60 11.00
CA TYR B 170 7.27 24.78 10.97
C TYR B 170 7.20 25.38 12.36
N SER B 171 7.23 26.72 12.42
CA SER B 171 7.10 27.37 13.72
C SER B 171 5.72 27.13 14.31
N GLU B 172 4.69 27.14 13.46
CA GLU B 172 3.32 26.86 13.83
C GLU B 172 2.70 26.01 12.73
N ALA B 173 1.91 25.01 13.13
CA ALA B 173 1.25 24.13 12.18
C ALA B 173 -0.14 24.67 11.84
N VAL B 174 -0.66 24.25 10.69
CA VAL B 174 -2.08 24.38 10.39
C VAL B 174 -2.77 23.10 10.86
N THR B 175 -3.82 23.23 11.65
CA THR B 175 -4.50 22.06 12.18
C THR B 175 -5.97 22.41 12.41
N ILE B 176 -6.68 21.53 13.10
CA ILE B 176 -8.06 21.76 13.53
C ILE B 176 -8.18 21.40 15.00
N PRO B 177 -9.17 21.95 15.71
CA PRO B 177 -9.41 21.50 17.08
C PRO B 177 -9.70 20.01 17.11
N ALA B 178 -9.31 19.37 18.20
CA ALA B 178 -9.27 17.91 18.25
C ALA B 178 -10.65 17.28 18.13
N ASP B 179 -11.70 17.97 18.58
CA ASP B 179 -13.05 17.42 18.55
C ASP B 179 -13.85 17.88 17.35
N VAL B 180 -13.27 18.61 16.42
CA VAL B 180 -14.00 19.03 15.23
C VAL B 180 -14.11 17.84 14.28
N PRO B 181 -15.32 17.51 13.81
CA PRO B 181 -15.47 16.35 12.93
C PRO B 181 -15.00 16.68 11.52
N TYR B 182 -14.67 15.62 10.76
CA TYR B 182 -14.10 15.81 9.43
C TYR B 182 -14.92 16.78 8.60
N GLU B 183 -16.25 16.66 8.64
CA GLU B 183 -17.07 17.45 7.72
C GLU B 183 -16.94 18.96 7.96
N GLN B 184 -16.46 19.39 9.12
CA GLN B 184 -16.24 20.81 9.37
C GLN B 184 -14.77 21.21 9.33
N SER B 185 -13.87 20.28 8.98
CA SER B 185 -12.44 20.54 9.09
C SER B 185 -11.99 21.72 8.23
N LEU B 186 -12.39 21.73 6.96
CA LEU B 186 -11.91 22.78 6.04
C LEU B 186 -12.30 24.17 6.51
N HIS B 187 -13.41 24.31 7.25
CA HIS B 187 -13.89 25.60 7.72
C HIS B 187 -13.39 25.97 9.10
N LYS B 188 -12.63 25.09 9.76
CA LYS B 188 -12.19 25.35 11.13
C LYS B 188 -10.69 25.11 11.29
N GLU B 189 -9.92 25.41 10.25
CA GLU B 189 -8.46 25.30 10.36
C GLU B 189 -7.91 26.44 11.21
N ILE B 190 -6.94 26.11 12.07
CA ILE B 190 -6.31 27.06 12.97
C ILE B 190 -4.80 26.91 12.89
N GLU B 191 -4.09 27.88 13.47
N GLU B 191 -4.10 27.83 13.55
CA GLU B 191 -2.66 27.79 13.65
CA GLU B 191 -2.64 27.85 13.65
C GLU B 191 -2.36 27.28 15.06
C GLU B 191 -2.23 27.48 15.06
N LYS B 192 -1.24 26.58 15.18
CA LYS B 192 -0.84 26.05 16.48
C LYS B 192 0.68 25.89 16.56
N PRO B 193 1.32 26.46 17.58
CA PRO B 193 2.79 26.39 17.67
C PRO B 193 3.28 24.96 17.85
N ILE B 194 4.40 24.66 17.21
CA ILE B 194 5.19 23.46 17.46
C ILE B 194 6.38 23.87 18.29
N VAL B 195 6.55 23.28 19.47
CA VAL B 195 7.64 23.64 20.36
C VAL B 195 8.37 22.40 20.83
N PHE B 196 9.60 22.62 21.31
CA PHE B 196 10.46 21.55 21.83
C PHE B 196 10.65 21.76 23.32
N LYS B 197 10.39 20.71 24.10
CA LYS B 197 10.47 20.82 25.55
C LYS B 197 11.00 19.52 26.13
N ASP B 198 11.44 19.61 27.40
CA ASP B 198 11.93 18.43 28.13
C ASP B 198 10.72 17.67 28.65
N VAL B 199 10.20 16.79 27.80
CA VAL B 199 9.09 15.90 28.15
C VAL B 199 9.42 14.50 27.64
N PRO B 200 8.80 13.47 28.22
CA PRO B 200 9.16 12.10 27.81
C PRO B 200 8.68 11.73 26.42
N LEU B 201 7.47 12.14 26.04
CA LEU B 201 6.80 11.67 24.85
C LEU B 201 6.20 12.83 24.07
N PRO B 202 6.08 12.71 22.74
CA PRO B 202 5.32 13.69 21.98
C PRO B 202 3.91 13.84 22.56
N ILE B 203 3.50 15.10 22.77
CA ILE B 203 2.24 15.37 23.45
C ILE B 203 1.66 16.66 22.87
N GLU B 204 0.34 16.71 22.81
CA GLU B 204 -0.37 17.91 22.36
C GLU B 204 -1.24 18.43 23.49
N THR B 205 -1.08 19.71 23.82
CA THR B 205 -1.95 20.39 24.76
C THR B 205 -2.95 21.25 24.00
N ASP B 206 -3.83 21.92 24.75
CA ASP B 206 -4.73 22.89 24.11
C ASP B 206 -3.95 23.95 23.36
N ASP B 207 -2.76 24.29 23.85
CA ASP B 207 -2.02 25.43 23.31
C ASP B 207 -0.87 25.05 22.39
N GLU B 208 -0.31 23.84 22.49
CA GLU B 208 0.95 23.58 21.79
C GLU B 208 1.02 22.14 21.32
N LEU B 209 1.68 21.95 20.18
CA LEU B 209 2.21 20.66 19.78
C LEU B 209 3.63 20.57 20.33
N ILE B 210 3.89 19.59 21.20
CA ILE B 210 5.16 19.53 21.93
C ILE B 210 5.95 18.32 21.43
N ILE B 211 7.09 18.59 20.81
CA ILE B 211 8.05 17.57 20.41
C ILE B 211 9.14 17.47 21.48
N PRO B 212 9.49 16.28 21.96
CA PRO B 212 10.53 16.17 22.99
C PRO B 212 11.89 16.63 22.47
N ASN B 213 12.67 17.22 23.38
CA ASN B 213 14.06 17.53 23.08
C ASN B 213 14.86 16.28 22.74
N THR B 214 14.41 15.10 23.18
CA THR B 214 15.09 13.86 22.80
C THR B 214 14.82 13.45 21.36
N CYS B 215 14.00 14.18 20.62
CA CYS B 215 13.63 13.77 19.26
C CYS B 215 14.78 14.13 18.33
N GLU B 216 15.76 13.23 18.25
CA GLU B 216 17.05 13.55 17.66
C GLU B 216 17.06 13.47 16.13
N ASN B 217 16.22 12.61 15.55
CA ASN B 217 16.43 12.14 14.18
C ASN B 217 15.17 12.27 13.34
N VAL B 218 15.39 12.34 12.02
CA VAL B 218 14.31 12.30 11.06
C VAL B 218 14.66 11.25 10.02
N ILE B 219 13.69 10.41 9.69
CA ILE B 219 13.80 9.40 8.65
C ILE B 219 13.00 9.91 7.46
N VAL B 220 13.63 10.03 6.30
CA VAL B 220 13.00 10.60 5.10
C VAL B 220 12.82 9.49 4.07
N ALA B 221 11.62 9.37 3.52
CA ALA B 221 11.33 8.38 2.50
C ALA B 221 11.04 9.06 1.16
N GLY B 222 11.56 8.46 0.09
CA GLY B 222 11.18 8.82 -1.27
C GLY B 222 10.22 7.79 -1.83
N ILE B 223 9.13 8.29 -2.42
CA ILE B 223 8.04 7.45 -2.93
C ILE B 223 7.89 7.78 -4.40
N ALA B 224 8.33 6.86 -5.26
CA ALA B 224 8.53 7.17 -6.68
C ALA B 224 7.21 7.29 -7.42
N MET B 225 7.08 8.32 -8.25
CA MET B 225 5.93 8.48 -9.11
C MET B 225 6.17 7.77 -10.44
N ASN B 226 5.11 7.66 -11.24
CA ASN B 226 5.19 6.95 -12.52
C ASN B 226 5.60 7.90 -13.64
N ARG B 227 6.61 7.50 -14.42
CA ARG B 227 7.20 8.41 -15.40
C ARG B 227 6.24 8.68 -16.55
N GLU B 228 5.62 7.64 -17.12
CA GLU B 228 4.67 7.83 -18.22
C GLU B 228 3.54 8.76 -17.81
N MET B 229 3.00 8.57 -16.61
CA MET B 229 1.88 9.40 -16.15
C MET B 229 2.33 10.83 -15.87
N MET B 230 3.47 11.02 -15.21
CA MET B 230 3.90 12.39 -14.95
C MET B 230 4.22 13.12 -16.25
N GLN B 231 4.63 12.39 -17.30
CA GLN B 231 4.91 13.11 -18.53
C GLN B 231 3.65 13.59 -19.25
N THR B 232 2.45 13.30 -18.75
CA THR B 232 1.23 13.92 -19.27
C THR B 232 0.92 15.26 -18.61
N ALA B 233 1.76 15.73 -17.68
CA ALA B 233 1.53 17.03 -17.03
C ALA B 233 1.34 18.11 -18.09
N PRO B 234 0.39 19.04 -17.87
CA PRO B 234 -0.42 19.25 -16.66
C PRO B 234 -1.76 18.51 -16.66
N ASN B 235 -1.86 17.42 -17.43
CA ASN B 235 -3.13 16.76 -17.65
C ASN B 235 -3.42 15.73 -16.55
N SER B 236 -4.56 15.05 -16.65
CA SER B 236 -5.13 14.34 -15.51
C SER B 236 -4.29 13.15 -15.06
N MET B 237 -3.57 12.49 -15.95
CA MET B 237 -2.85 11.29 -15.48
C MET B 237 -1.66 11.67 -14.60
N ALA B 238 -1.09 12.87 -14.79
CA ALA B 238 -0.08 13.34 -13.85
C ALA B 238 -0.71 13.59 -12.49
N CYS B 239 -1.96 14.06 -12.46
CA CYS B 239 -2.67 14.22 -11.20
C CYS B 239 -2.87 12.89 -10.51
N ALA B 240 -3.09 11.82 -11.30
CA ALA B 240 -3.38 10.52 -10.71
C ALA B 240 -2.14 9.90 -10.04
N THR B 241 -0.96 10.02 -10.67
CA THR B 241 0.21 9.43 -10.02
C THR B 241 0.59 10.23 -8.78
N THR B 242 0.42 11.56 -8.83
CA THR B 242 0.55 12.38 -7.63
C THR B 242 -0.35 11.87 -6.51
N ALA B 243 -1.63 11.66 -6.81
CA ALA B 243 -2.60 11.33 -5.77
C ALA B 243 -2.30 9.96 -5.17
N PHE B 244 -2.03 8.95 -6.01
CA PHE B 244 -1.75 7.62 -5.47
C PHE B 244 -0.55 7.65 -4.55
N CYS B 245 0.46 8.44 -4.88
CA CYS B 245 1.65 8.46 -4.04
C CYS B 245 1.38 9.14 -2.70
N TYR B 246 0.40 10.05 -2.62
CA TYR B 246 0.04 10.60 -1.32
C TYR B 246 -0.53 9.52 -0.41
N SER B 247 -1.34 8.63 -0.95
CA SER B 247 -1.83 7.54 -0.10
C SER B 247 -0.71 6.56 0.26
N ARG B 248 0.24 6.32 -0.66
CA ARG B 248 1.43 5.54 -0.30
C ARG B 248 2.23 6.21 0.82
N MET B 249 2.37 7.54 0.77
CA MET B 249 3.02 8.27 1.86
C MET B 249 2.36 8.00 3.20
N CYS B 250 1.03 8.11 3.24
CA CYS B 250 0.30 7.92 4.49
C CYS B 250 0.49 6.52 5.05
N MET B 251 0.37 5.50 4.18
CA MET B 251 0.64 4.14 4.64
C MET B 251 2.07 4.00 5.16
N PHE B 252 3.04 4.58 4.45
CA PHE B 252 4.43 4.51 4.91
C PHE B 252 4.56 5.04 6.33
N ASP B 253 4.04 6.26 6.56
CA ASP B 253 4.18 6.90 7.87
C ASP B 253 3.60 6.01 8.96
N MET B 254 2.40 5.49 8.75
CA MET B 254 1.74 4.70 9.78
C MET B 254 2.48 3.39 10.04
N TRP B 255 2.81 2.66 8.98
CA TRP B 255 3.58 1.44 9.12
C TRP B 255 4.88 1.67 9.88
N LEU B 256 5.65 2.68 9.47
CA LEU B 256 6.97 2.87 10.07
C LEU B 256 6.85 3.36 11.50
N CYS B 257 5.91 4.28 11.76
CA CYS B 257 5.70 4.72 13.15
C CYS B 257 5.34 3.55 14.05
N GLN B 258 4.47 2.66 13.59
CA GLN B 258 4.12 1.52 14.40
C GLN B 258 5.34 0.63 14.64
N PHE B 259 6.17 0.43 13.61
CA PHE B 259 7.38 -0.39 13.81
C PHE B 259 8.28 0.23 14.88
N ILE B 260 8.54 1.53 14.77
CA ILE B 260 9.39 2.22 15.73
C ILE B 260 8.81 2.15 17.14
N ARG B 261 7.49 2.34 17.26
CA ARG B 261 6.85 2.23 18.58
C ARG B 261 6.97 0.81 19.13
N TYR B 262 6.79 -0.19 18.28
CA TYR B 262 6.87 -1.57 18.74
C TYR B 262 8.31 -2.00 19.04
N MET B 263 9.29 -1.20 18.64
CA MET B 263 10.68 -1.37 19.03
C MET B 263 11.02 -0.68 20.34
N GLY B 264 10.09 0.08 20.92
CA GLY B 264 10.33 0.73 22.19
C GLY B 264 10.67 2.21 22.11
N TYR B 265 10.50 2.85 20.97
CA TYR B 265 10.77 4.27 20.81
C TYR B 265 9.47 4.99 20.43
N TYR B 266 9.52 6.32 20.35
CA TYR B 266 8.35 7.05 19.86
C TYR B 266 8.61 7.52 18.43
N ALA B 267 7.52 7.91 17.76
CA ALA B 267 7.59 8.23 16.34
C ALA B 267 6.47 9.20 15.98
N ILE B 268 6.82 10.25 15.25
CA ILE B 268 5.88 11.29 14.83
C ILE B 268 5.74 11.20 13.31
N PRO B 269 4.57 10.87 12.78
CA PRO B 269 4.37 10.89 11.33
C PRO B 269 4.17 12.32 10.84
N SER B 270 4.18 12.50 9.51
CA SER B 270 3.95 13.88 9.06
C SER B 270 3.38 14.09 7.66
N CYS B 271 3.71 13.22 6.69
CA CYS B 271 3.37 13.50 5.29
C CYS B 271 3.72 14.95 4.91
N ASN B 272 2.76 15.77 4.48
CA ASN B 272 3.13 17.14 4.08
C ASN B 272 3.15 18.13 5.26
N GLY B 273 2.85 17.68 6.47
CA GLY B 273 2.86 18.57 7.62
C GLY B 273 4.21 18.63 8.33
N VAL B 274 4.21 19.39 9.45
CA VAL B 274 5.24 19.43 10.48
C VAL B 274 6.48 20.20 10.04
N GLY B 275 7.01 19.89 8.85
CA GLY B 275 8.19 20.59 8.38
C GLY B 275 8.40 20.46 6.88
N GLN B 276 9.48 21.06 6.40
CA GLN B 276 9.76 21.17 4.97
C GLN B 276 10.53 19.95 4.49
N SER B 277 9.83 19.11 3.73
CA SER B 277 10.37 17.82 3.30
C SER B 277 11.63 17.95 2.45
N VAL B 278 11.69 18.95 1.56
CA VAL B 278 12.84 19.06 0.66
C VAL B 278 14.12 19.26 1.46
N ALA B 279 14.09 20.10 2.49
CA ALA B 279 15.27 20.33 3.31
C ALA B 279 15.69 19.08 4.05
N PHE B 280 14.75 18.37 4.67
CA PHE B 280 15.07 17.10 5.33
C PHE B 280 15.66 16.11 4.34
N ALA B 281 15.09 16.02 3.13
CA ALA B 281 15.58 15.04 2.16
C ALA B 281 17.01 15.35 1.73
N VAL B 282 17.34 16.62 1.56
CA VAL B 282 18.71 16.99 1.21
C VAL B 282 19.67 16.66 2.34
N GLU B 283 19.29 16.97 3.58
CA GLU B 283 20.16 16.67 4.71
C GLU B 283 20.31 15.17 4.93
N ALA B 284 19.31 14.38 4.54
CA ALA B 284 19.40 12.93 4.68
C ALA B 284 20.03 12.25 3.47
N GLY B 285 20.49 13.02 2.50
CA GLY B 285 21.22 12.46 1.38
C GLY B 285 20.40 11.84 0.27
N LEU B 286 19.08 12.04 0.25
CA LEU B 286 18.30 11.50 -0.85
C LEU B 286 18.63 12.19 -2.17
N GLY B 287 18.98 13.46 -2.15
CA GLY B 287 19.21 14.19 -3.38
C GLY B 287 19.66 15.60 -3.09
N GLN B 288 19.58 16.44 -4.12
CA GLN B 288 20.01 17.83 -4.02
C GLN B 288 18.86 18.77 -4.35
N ALA B 289 18.87 19.94 -3.70
CA ALA B 289 17.95 21.00 -4.08
C ALA B 289 18.21 21.45 -5.51
N SER B 290 17.19 22.03 -6.13
CA SER B 290 17.16 22.26 -7.57
C SER B 290 16.55 23.64 -7.86
N ARG B 291 16.63 24.05 -9.13
CA ARG B 291 16.06 25.34 -9.52
C ARG B 291 14.54 25.38 -9.30
N MET B 292 13.84 24.31 -9.71
CA MET B 292 12.40 24.31 -9.51
C MET B 292 12.03 24.32 -8.03
N GLY B 293 12.96 23.92 -7.15
CA GLY B 293 12.75 23.90 -5.72
C GLY B 293 12.58 22.50 -5.14
N ALA B 294 12.49 21.48 -5.98
CA ALA B 294 12.33 20.11 -5.51
C ALA B 294 13.68 19.48 -5.18
N CYS B 295 13.63 18.40 -4.41
CA CYS B 295 14.79 17.55 -4.20
C CYS B 295 14.96 16.61 -5.40
N ILE B 296 16.07 16.73 -6.11
CA ILE B 296 16.35 15.90 -7.27
C ILE B 296 17.20 14.72 -6.83
N THR B 297 16.71 13.50 -7.11
CA THR B 297 17.38 12.27 -6.72
C THR B 297 18.10 11.65 -7.92
N PRO B 298 19.15 10.87 -7.69
CA PRO B 298 19.79 10.19 -8.83
C PRO B 298 18.87 9.17 -9.49
N GLU B 299 18.03 8.48 -8.72
CA GLU B 299 17.23 7.40 -9.28
C GLU B 299 16.04 7.91 -10.06
N PHE B 300 15.40 8.99 -9.58
CA PHE B 300 14.13 9.44 -10.13
C PHE B 300 14.12 10.90 -10.56
N GLY B 301 15.25 11.61 -10.48
CA GLY B 301 15.24 13.04 -10.55
C GLY B 301 14.25 13.58 -9.53
N PRO B 302 13.48 14.60 -9.92
CA PRO B 302 12.46 15.16 -9.02
C PRO B 302 11.13 14.43 -9.03
N ASN B 303 10.99 13.37 -9.82
CA ASN B 303 9.70 12.67 -9.98
C ASN B 303 9.51 11.65 -8.86
N VAL B 304 9.51 12.15 -7.64
CA VAL B 304 9.44 11.29 -6.46
C VAL B 304 8.82 12.12 -5.33
N ARG B 305 7.91 11.50 -4.58
CA ARG B 305 7.32 12.24 -3.47
C ARG B 305 8.11 11.99 -2.19
N LEU B 306 7.94 12.86 -1.21
CA LEU B 306 8.67 12.79 0.04
C LEU B 306 7.72 12.70 1.23
N THR B 307 8.11 11.92 2.23
CA THR B 307 7.47 11.98 3.53
C THR B 307 8.54 11.72 4.57
N LYS B 308 8.19 11.90 5.84
CA LYS B 308 9.24 11.79 6.86
C LYS B 308 8.62 11.47 8.21
N VAL B 309 9.44 10.88 9.08
CA VAL B 309 9.05 10.44 10.42
C VAL B 309 10.15 10.90 11.39
N PHE B 310 9.74 11.46 12.53
CA PHE B 310 10.66 11.99 13.54
C PHE B 310 10.70 11.04 14.74
N THR B 311 11.90 10.78 15.26
CA THR B 311 12.00 9.77 16.32
C THR B 311 13.22 10.01 17.19
N ASN B 312 13.13 9.51 18.42
CA ASN B 312 14.28 9.41 19.32
C ASN B 312 15.06 8.10 19.15
N MET B 313 14.65 7.21 18.25
CA MET B 313 15.41 6.00 18.01
C MET B 313 16.85 6.34 17.61
N PRO B 314 17.86 5.78 18.28
CA PRO B 314 19.25 6.02 17.86
C PRO B 314 19.49 5.49 16.46
N LEU B 315 20.15 6.30 15.64
CA LEU B 315 20.34 5.99 14.24
C LEU B 315 21.66 6.59 13.77
N VAL B 316 22.17 6.07 12.66
CA VAL B 316 23.39 6.59 12.03
C VAL B 316 22.97 7.51 10.88
N PRO B 317 23.26 8.81 10.96
CA PRO B 317 22.89 9.71 9.87
C PRO B 317 23.61 9.34 8.58
N ASP B 318 22.89 9.50 7.46
CA ASP B 318 23.50 9.28 6.16
C ASP B 318 24.28 10.52 5.75
N LYS B 319 25.17 10.35 4.72
CA LYS B 319 25.89 11.53 4.27
C LYS B 319 25.11 12.26 3.17
N PRO B 320 25.12 13.59 3.14
CA PRO B 320 24.57 14.30 1.99
C PRO B 320 25.33 13.92 0.73
N ILE B 321 24.70 14.15 -0.42
CA ILE B 321 25.28 13.73 -1.69
C ILE B 321 25.40 14.93 -2.61
N ASP B 322 26.44 14.91 -3.43
CA ASP B 322 26.67 15.96 -4.42
C ASP B 322 26.99 15.24 -5.71
N PHE B 323 26.01 15.18 -6.62
CA PHE B 323 26.26 14.63 -7.96
C PHE B 323 26.09 15.70 -9.03
N GLY B 324 26.29 16.97 -8.66
CA GLY B 324 26.37 18.05 -9.62
C GLY B 324 25.07 18.72 -9.99
N VAL B 325 24.03 18.60 -9.16
CA VAL B 325 22.74 19.21 -9.53
C VAL B 325 22.85 20.72 -9.57
N THR B 326 23.49 21.33 -8.57
CA THR B 326 23.57 22.79 -8.50
C THR B 326 24.19 23.36 -9.77
N GLU B 327 25.31 22.78 -10.21
CA GLU B 327 26.00 23.28 -11.39
C GLU B 327 25.18 23.03 -12.65
N PHE B 328 24.42 21.93 -12.68
CA PHE B 328 23.60 21.65 -13.85
C PHE B 328 22.42 22.61 -13.91
N CYS B 329 21.76 22.87 -12.77
CA CYS B 329 20.64 23.80 -12.76
C CYS B 329 21.10 25.20 -13.09
N GLU B 330 22.35 25.53 -12.77
CA GLU B 330 22.84 26.88 -13.02
C GLU B 330 22.70 27.26 -14.50
N THR B 331 22.94 26.31 -15.40
CA THR B 331 22.88 26.61 -16.82
C THR B 331 21.67 26.03 -17.54
N CYS B 332 20.87 25.17 -16.89
CA CYS B 332 19.81 24.47 -17.61
C CYS B 332 18.60 25.37 -17.88
N LYS B 333 17.88 25.77 -16.83
CA LYS B 333 16.72 26.66 -16.88
C LYS B 333 15.53 26.09 -17.69
N LYS B 334 15.51 24.79 -17.99
CA LYS B 334 14.42 24.24 -18.81
C LYS B 334 13.08 24.32 -18.09
N CYS B 335 13.04 24.04 -16.79
CA CYS B 335 11.79 24.15 -16.04
C CYS B 335 11.28 25.59 -16.06
N ALA B 336 12.17 26.56 -15.88
CA ALA B 336 11.77 27.97 -15.87
C ALA B 336 11.18 28.39 -17.21
N ARG B 337 11.71 27.86 -18.32
CA ARG B 337 11.20 28.26 -19.62
C ARG B 337 9.87 27.59 -19.96
N GLU B 338 9.63 26.39 -19.43
CA GLU B 338 8.41 25.64 -19.74
C GLU B 338 7.28 25.89 -18.76
N CYS B 339 7.55 26.50 -17.61
CA CYS B 339 6.54 26.70 -16.60
C CYS B 339 5.39 27.54 -17.13
N PRO B 340 4.15 27.05 -17.11
CA PRO B 340 3.03 27.80 -17.73
C PRO B 340 2.68 29.09 -17.01
N SER B 341 3.20 29.31 -15.80
CA SER B 341 2.88 30.50 -15.03
C SER B 341 4.09 31.38 -14.77
N LYS B 342 5.25 31.04 -15.31
CA LYS B 342 6.49 31.79 -15.08
C LYS B 342 6.79 31.91 -13.59
N ALA B 343 6.53 30.84 -12.84
CA ALA B 343 6.76 30.87 -11.41
C ALA B 343 8.22 30.68 -11.04
N ILE B 344 8.98 29.99 -11.88
CA ILE B 344 10.35 29.59 -11.57
C ILE B 344 11.33 30.63 -12.11
N THR B 345 12.27 31.06 -11.28
CA THR B 345 13.20 32.11 -11.67
C THR B 345 14.26 31.58 -12.63
N GLU B 346 14.75 32.47 -13.50
CA GLU B 346 15.96 32.19 -14.26
C GLU B 346 17.19 32.84 -13.67
N GLY B 347 17.04 33.52 -12.52
CA GLY B 347 18.15 34.22 -11.90
C GLY B 347 18.98 33.32 -11.02
N PRO B 348 19.94 33.93 -10.34
CA PRO B 348 20.81 33.18 -9.41
C PRO B 348 20.14 32.97 -8.06
N ARG B 349 20.78 32.15 -7.24
CA ARG B 349 20.29 31.87 -5.89
C ARG B 349 20.57 33.04 -4.96
N THR B 350 19.64 33.29 -4.03
CA THR B 350 19.79 34.35 -3.04
C THR B 350 19.28 33.86 -1.69
N PHE B 351 19.48 34.68 -0.65
CA PHE B 351 18.98 34.42 0.69
C PHE B 351 17.66 35.12 0.99
N GLU B 352 17.08 35.84 0.03
CA GLU B 352 15.89 36.63 0.29
C GLU B 352 14.73 36.11 -0.54
N GLY B 353 13.62 35.82 0.14
CA GLY B 353 12.48 35.24 -0.55
C GLY B 353 11.80 36.25 -1.46
N ARG B 354 11.15 35.73 -2.50
CA ARG B 354 10.41 36.61 -3.38
C ARG B 354 9.10 37.07 -2.76
N SER B 355 8.51 36.29 -1.86
CA SER B 355 7.25 36.68 -1.24
C SER B 355 7.12 35.94 0.08
N ILE B 356 5.96 36.13 0.72
CA ILE B 356 5.65 35.51 2.01
C ILE B 356 5.75 33.98 1.94
N HIS B 357 5.57 33.39 0.76
CA HIS B 357 5.55 31.93 0.67
C HIS B 357 6.94 31.31 0.79
N ASN B 358 8.00 32.09 0.59
CA ASN B 358 9.38 31.59 0.74
C ASN B 358 9.89 31.84 2.16
N GLN B 359 10.74 30.93 2.63
CA GLN B 359 11.49 31.13 3.86
C GLN B 359 12.81 31.82 3.53
N SER B 360 12.96 33.08 3.95
CA SER B 360 14.22 33.80 3.74
C SER B 360 15.29 33.30 4.69
N GLY B 361 16.54 33.54 4.33
CA GLY B 361 17.67 33.16 5.14
C GLY B 361 18.39 31.89 4.73
N LYS B 362 18.00 31.28 3.63
CA LYS B 362 18.69 30.09 3.13
C LYS B 362 18.96 30.26 1.65
N LEU B 363 20.13 29.83 1.21
CA LEU B 363 20.52 30.02 -0.18
C LEU B 363 19.77 29.03 -1.07
N GLN B 364 18.93 29.56 -1.96
CA GLN B 364 18.11 28.73 -2.83
C GLN B 364 17.67 29.56 -4.03
N TRP B 365 17.18 28.88 -5.06
CA TRP B 365 16.46 29.59 -6.12
C TRP B 365 15.08 29.98 -5.58
N GLN B 366 14.76 31.27 -5.65
CA GLN B 366 13.55 31.81 -5.06
C GLN B 366 12.46 31.85 -6.12
N ASN B 367 11.39 31.09 -5.92
CA ASN B 367 10.31 30.98 -6.88
C ASN B 367 9.04 31.64 -6.35
N ASP B 368 8.15 32.03 -7.28
CA ASP B 368 6.89 32.69 -6.90
C ASP B 368 5.81 31.61 -6.87
N TYR B 369 5.49 31.13 -5.67
CA TYR B 369 4.62 29.98 -5.56
C TYR B 369 3.14 30.34 -5.63
N ASN B 370 2.80 31.63 -5.56
CA ASN B 370 1.43 32.03 -5.82
C ASN B 370 1.14 31.98 -7.33
N LYS B 371 2.13 32.32 -8.15
CA LYS B 371 1.98 32.15 -9.60
C LYS B 371 1.79 30.68 -9.96
N CYS B 372 2.56 29.80 -9.33
CA CYS B 372 2.35 28.37 -9.54
C CYS B 372 0.93 27.96 -9.19
N LEU B 373 0.48 28.30 -7.97
CA LEU B 373 -0.85 27.84 -7.57
C LEU B 373 -1.93 28.40 -8.49
N GLY B 374 -1.74 29.63 -8.99
CA GLY B 374 -2.74 30.23 -9.86
C GLY B 374 -3.01 29.42 -11.11
N TYR B 375 -2.04 28.63 -11.54
CA TYR B 375 -2.25 27.81 -12.73
C TYR B 375 -3.05 26.55 -12.45
N TRP B 376 -3.24 26.18 -11.17
CA TRP B 376 -3.93 24.94 -10.87
C TRP B 376 -5.43 25.02 -11.14
N PRO B 377 -6.16 26.03 -10.68
CA PRO B 377 -7.56 26.15 -11.12
C PRO B 377 -7.69 26.32 -12.63
N GLU B 378 -6.74 26.99 -13.28
N GLU B 378 -6.75 27.01 -13.27
CA GLU B 378 -6.85 27.20 -14.72
CA GLU B 378 -6.81 27.20 -14.71
C GLU B 378 -6.72 25.89 -15.48
C GLU B 378 -6.75 25.87 -15.45
N SER B 379 -5.84 25.00 -15.02
CA SER B 379 -5.60 23.74 -15.71
C SER B 379 -6.39 22.56 -15.12
N GLY B 380 -7.03 22.75 -13.97
CA GLY B 380 -7.81 21.69 -13.38
C GLY B 380 -7.00 20.54 -12.82
N GLY B 381 -5.77 20.79 -12.39
CA GLY B 381 -4.92 19.74 -11.85
C GLY B 381 -3.83 20.26 -10.94
N TYR B 382 -2.75 19.49 -10.82
CA TYR B 382 -1.62 19.85 -9.99
C TYR B 382 -0.37 20.14 -10.81
N CYS B 383 -0.55 20.50 -12.09
CA CYS B 383 0.51 20.79 -13.07
C CYS B 383 1.59 19.72 -13.04
N GLY B 384 2.80 20.09 -12.61
CA GLY B 384 3.93 19.18 -12.63
C GLY B 384 4.76 19.24 -13.89
N VAL B 385 4.54 20.26 -14.72
CA VAL B 385 5.28 20.38 -15.98
C VAL B 385 6.79 20.50 -15.70
N CYS B 386 7.15 21.21 -14.63
CA CYS B 386 8.56 21.33 -14.24
C CYS B 386 9.18 19.96 -13.99
N VAL B 387 8.52 19.12 -13.21
CA VAL B 387 8.99 17.76 -12.97
C VAL B 387 9.10 17.00 -14.28
N ALA B 388 8.08 17.12 -15.13
CA ALA B 388 8.04 16.35 -16.38
C ALA B 388 9.21 16.70 -17.32
N VAL B 389 9.57 17.98 -17.40
CA VAL B 389 10.57 18.38 -18.39
C VAL B 389 12.00 18.32 -17.86
N CYS B 390 12.18 18.10 -16.58
CA CYS B 390 13.52 18.12 -16.02
C CYS B 390 14.33 16.96 -16.60
N PRO B 391 15.55 17.21 -17.10
CA PRO B 391 16.36 16.10 -17.64
C PRO B 391 16.61 15.00 -16.64
N PHE B 392 16.69 15.31 -15.34
CA PHE B 392 16.93 14.29 -14.33
C PHE B 392 15.75 13.32 -14.21
N THR B 393 14.55 13.72 -14.64
CA THR B 393 13.40 12.83 -14.58
C THR B 393 13.49 11.70 -15.61
N LYS B 394 14.20 11.92 -16.72
CA LYS B 394 14.22 10.90 -17.78
C LYS B 394 15.16 9.72 -17.47
N ASN B 431 0.39 10.43 -25.75
CA ASN B 431 -0.82 11.03 -25.24
C ASN B 431 -1.42 10.16 -24.15
N ILE B 432 -2.56 10.57 -23.61
CA ILE B 432 -3.10 9.86 -22.45
C ILE B 432 -3.72 8.52 -22.85
N THR B 433 -4.29 8.41 -24.06
CA THR B 433 -4.76 7.09 -24.52
C THR B 433 -3.62 6.09 -24.52
N GLU B 434 -2.45 6.50 -24.99
CA GLU B 434 -1.33 5.57 -25.02
C GLU B 434 -0.86 5.20 -23.61
N VAL B 435 -1.04 6.09 -22.64
CA VAL B 435 -0.70 5.73 -21.27
C VAL B 435 -1.65 4.65 -20.76
N TRP B 436 -2.96 4.85 -20.92
CA TRP B 436 -3.95 3.86 -20.48
C TRP B 436 -3.79 2.53 -21.19
N ASP B 437 -3.32 2.54 -22.44
CA ASP B 437 -3.11 1.32 -23.21
C ASP B 437 -1.71 0.77 -23.07
N GLY B 438 -0.84 1.43 -22.30
CA GLY B 438 0.55 1.07 -22.33
C GLY B 438 1.05 0.41 -21.08
N LYS B 439 2.36 0.53 -20.87
CA LYS B 439 3.08 -0.21 -19.84
C LYS B 439 2.66 0.24 -18.45
N ILE B 440 2.43 -0.72 -17.56
CA ILE B 440 2.20 -0.44 -16.15
C ILE B 440 2.65 -1.66 -15.33
N ASN B 441 2.89 -1.45 -14.06
CA ASN B 441 3.31 -2.52 -13.15
C ASN B 441 2.87 -2.09 -11.76
N THR B 442 3.16 -2.93 -10.78
CA THR B 442 2.61 -2.72 -9.44
C THR B 442 3.01 -1.36 -8.86
N TYR B 443 2.02 -0.63 -8.33
CA TYR B 443 2.20 0.72 -7.77
C TYR B 443 2.77 1.69 -8.80
N GLY B 444 2.65 1.36 -10.09
CA GLY B 444 3.24 2.22 -11.10
C GLY B 444 4.75 2.17 -11.18
N LEU B 445 5.39 1.25 -10.47
CA LEU B 445 6.84 1.09 -10.56
C LEU B 445 7.23 0.47 -11.90
N ASP B 446 8.50 0.63 -12.27
CA ASP B 446 9.00 0.25 -13.59
C ASP B 446 10.08 -0.81 -13.44
N ALA B 447 9.81 -2.02 -13.94
CA ALA B 447 10.79 -3.10 -13.82
C ALA B 447 12.07 -2.83 -14.57
N ASP B 448 12.06 -1.93 -15.56
CA ASP B 448 13.31 -1.58 -16.24
C ASP B 448 14.27 -0.84 -15.35
N HIS B 449 13.80 -0.27 -14.24
CA HIS B 449 14.66 0.49 -13.33
C HIS B 449 14.62 0.00 -11.88
N PHE B 450 13.66 -0.85 -11.53
CA PHE B 450 13.46 -1.26 -10.14
C PHE B 450 14.71 -1.88 -9.52
N ARG B 451 15.61 -2.45 -10.32
CA ARG B 451 16.87 -2.95 -9.75
C ARG B 451 17.68 -1.85 -9.08
N ASP B 452 17.55 -0.61 -9.54
CA ASP B 452 18.33 0.48 -8.95
C ASP B 452 18.03 0.71 -7.47
N THR B 453 16.90 0.25 -6.95
CA THR B 453 16.60 0.45 -5.54
C THR B 453 16.70 -0.82 -4.71
N VAL B 454 17.34 -1.87 -5.25
CA VAL B 454 17.64 -3.03 -4.43
C VAL B 454 18.56 -2.59 -3.30
N SER B 455 18.45 -3.27 -2.16
CA SER B 455 19.20 -2.87 -0.98
C SER B 455 19.69 -4.08 -0.20
N PHE B 456 20.95 -4.01 0.21
CA PHE B 456 21.58 -4.96 1.12
C PHE B 456 22.07 -4.18 2.34
N ARG B 457 22.45 -4.92 3.39
CA ARG B 457 22.94 -4.26 4.61
C ARG B 457 24.06 -3.26 4.31
N LYS B 458 24.96 -3.60 3.39
CA LYS B 458 26.12 -2.74 3.13
C LYS B 458 25.69 -1.33 2.74
N ASP B 459 24.56 -1.19 2.03
CA ASP B 459 24.10 0.12 1.62
C ASP B 459 23.07 0.72 2.58
N ARG B 460 22.61 -0.04 3.58
CA ARG B 460 21.73 0.56 4.59
C ARG B 460 22.52 1.21 5.73
N VAL B 461 23.68 0.68 6.10
CA VAL B 461 24.42 1.32 7.17
C VAL B 461 25.93 1.04 7.06
FE1 SF4 C . 2.93 -27.51 -3.71
FE2 SF4 C . 1.10 -29.31 -4.65
FE3 SF4 C . 1.82 -29.33 -2.04
FE4 SF4 C . 3.60 -30.13 -3.94
S1 SF4 C . 1.60 -31.17 -3.43
S2 SF4 C . 4.02 -28.75 -2.17
S3 SF4 C . 3.11 -28.76 -5.64
S4 SF4 C . 0.71 -27.68 -3.05
FE1 SF4 D . 1.57 -24.91 8.56
FE2 SF4 D . 0.45 -25.16 6.11
FE3 SF4 D . 0.48 -27.26 7.86
FE4 SF4 D . -1.07 -25.09 8.34
S1 SF4 D . -1.29 -26.55 6.58
S2 SF4 D . 0.24 -26.18 9.88
S3 SF4 D . 0.15 -23.38 7.56
S4 SF4 D . 2.27 -26.33 6.90
P BVQ E . -12.66 -25.48 2.11
CO BVQ E . -5.81 -19.03 5.26
C1 BVQ E . -6.64 -17.83 2.80
C2 BVQ E . -6.03 -16.75 1.83
O2 BVQ E . -11.69 -24.69 1.05
C3 BVQ E . -4.54 -17.25 1.69
O3 BVQ E . -12.89 -24.36 3.23
C4 BVQ E . -4.35 -18.01 2.97
O4 BVQ E . -13.89 -25.90 1.42
C5 BVQ E . -3.01 -18.39 3.51
O5 BVQ E . -11.75 -26.51 2.76
C6 BVQ E . -2.87 -19.15 4.65
C7 BVQ E . -1.60 -19.71 5.32
C8 BVQ E . -2.18 -21.02 5.91
C9 BVQ E . -3.59 -20.59 6.18
C10 BVQ E . -4.34 -21.22 7.17
C11 BVQ E . -5.68 -20.95 7.42
C12 BVQ E . -6.42 -21.73 8.49
C13 BVQ E . -7.86 -21.11 8.46
C14 BVQ E . -7.77 -20.13 7.22
C15 BVQ E . -8.82 -19.34 6.79
C16 BVQ E . -8.71 -18.46 5.59
C17 BVQ E . -9.80 -17.58 4.98
C18 BVQ E . -9.15 -17.28 3.62
C19 BVQ E . -7.64 -17.32 3.91
N1B BVQ E . -10.77 -23.71 -1.70
C1P BVQ E . -13.72 -22.28 4.17
C1R BVQ E . -9.65 -23.50 -0.77
C20 BVQ E . -7.27 -19.03 2.10
N21 BVQ E . -5.48 -18.29 3.55
N22 BVQ E . -4.00 -19.65 5.30
N23 BVQ E . -6.44 -20.07 6.73
N24 BVQ E . -7.54 -18.32 5.00
C25 BVQ E . -6.84 -16.62 0.53
C26 BVQ E . -5.93 -15.35 2.58
C27 BVQ E . -5.32 -14.19 1.78
O28 BVQ E . -4.68 -14.41 0.74
N29 BVQ E . -5.54 -12.97 2.24
C2B BVQ E . -11.87 -22.99 -1.59
C2P BVQ E . -13.83 -23.32 3.00
C2R BVQ E . -9.39 -24.64 0.21
C30 BVQ E . -4.32 -18.13 0.44
C31 BVQ E . -3.74 -17.35 -0.74
C32 BVQ E . -3.68 -18.17 -2.02
N33 BVQ E . -2.59 -18.01 -2.76
O34 BVQ E . -4.60 -18.91 -2.33
C35 BVQ E . -1.88 -17.89 2.65
C36 BVQ E . -0.38 -20.07 4.43
C37 BVQ E . -1.22 -18.82 6.52
C38 BVQ E . -0.44 -17.56 6.16
O39 BVQ E . -0.91 -16.73 5.37
N3B BVQ E . -12.76 -23.18 -2.59
C3R BVQ E . -10.36 -24.28 1.33
N40 BVQ E . 0.73 -17.42 6.75
C41 BVQ E . -2.15 -22.10 4.81
C42 BVQ E . -3.02 -23.33 5.07
C43 BVQ E . -3.27 -24.16 3.82
O44 BVQ E . -3.69 -23.64 2.79
N45 BVQ E . -3.01 -25.45 3.91
C46 BVQ E . -5.81 -21.52 9.89
C47 BVQ E . -6.29 -23.21 8.11
C48 BVQ E . -8.98 -22.17 8.43
C49 BVQ E . -9.45 -22.62 7.03
N4B BVQ E . -12.72 -24.60 -4.56
C4R BVQ E . -10.27 -22.75 1.36
C50 BVQ E . -10.81 -23.28 7.05
O51 BVQ E . -11.51 -23.26 8.08
N52 BVQ E . -11.20 -23.85 5.93
C53 BVQ E . -10.13 -19.31 7.51
C54 BVQ E . -9.94 -16.31 5.86
C55 BVQ E . -11.20 -18.18 4.70
C56 BVQ E . -11.17 -19.48 3.88
C57 BVQ E . -12.52 -20.15 3.89
O58 BVQ E . -13.55 -19.52 3.71
N59 BVQ E . -12.51 -21.47 4.08
C5B BVQ E . -11.90 -25.50 -5.11
C5R BVQ E . -9.23 -22.18 2.31
C60 BVQ E . -9.60 -15.97 2.92
C61 BVQ E . -10.89 -16.18 2.16
N62 BVQ E . -11.91 -15.40 2.51
O63 BVQ E . -10.97 -17.02 1.27
N6B BVQ E . -10.70 -25.92 -4.69
O6R BVQ E . -9.94 -22.36 0.02
N7A BVQ E . -9.02 -25.85 -3.11
C7B BVQ E . -10.20 -25.39 -3.55
O7R BVQ E . -9.71 -25.93 -0.31
C8B BVQ E . -10.96 -24.42 -2.87
O8R BVQ E . -9.49 -22.56 3.65
C9B BVQ E . -12.20 -24.10 -3.43
C1 BEN F . -16.28 -16.92 19.12
C2 BEN F . -16.96 -16.44 20.24
C3 BEN F . -17.30 -17.30 21.28
C4 BEN F . -16.95 -18.64 21.22
C5 BEN F . -16.26 -19.12 20.11
C6 BEN F . -15.93 -18.26 19.07
C BEN F . -15.94 -16.04 18.07
N1 BEN F . -16.24 -14.75 18.11
N2 BEN F . -15.30 -16.48 17.00
C1 GOL G . -10.10 -13.46 15.10
O1 GOL G . -9.60 -14.67 14.59
C2 GOL G . -11.54 -13.67 15.57
O2 GOL G . -11.80 -15.04 15.73
C3 GOL G . -12.49 -13.10 14.53
O3 GOL G . -12.31 -11.71 14.49
C1 GOL H . -10.18 5.18 4.99
O1 GOL H . -10.09 5.95 6.17
C2 GOL H . -11.65 5.03 4.64
O2 GOL H . -12.18 6.30 4.32
C3 GOL H . -12.37 4.44 5.84
O3 GOL H . -13.55 3.79 5.41
C1 GOL I . -7.34 -35.79 -10.22
O1 GOL I . -8.37 -35.94 -11.17
C2 GOL I . -7.77 -36.42 -8.90
O2 GOL I . -9.07 -35.96 -8.57
C3 GOL I . -6.78 -36.07 -7.81
O3 GOL I . -6.96 -36.91 -6.68
C1 GOL J . -12.84 -41.79 -5.62
O1 GOL J . -11.56 -42.03 -6.16
C2 GOL J . -13.09 -40.29 -5.57
O2 GOL J . -12.12 -39.69 -4.74
C3 GOL J . -14.49 -40.03 -5.00
O3 GOL J . -14.77 -38.64 -5.04
C1 GOL K . -0.29 -29.04 -20.69
O1 GOL K . 0.87 -29.84 -20.72
C2 GOL K . -0.71 -28.86 -19.23
O2 GOL K . 0.00 -29.80 -18.46
C3 GOL K . -2.20 -29.14 -19.08
O3 GOL K . -2.44 -29.69 -17.80
C1 GOL L . -9.13 -35.75 11.23
O1 GOL L . -8.16 -35.29 10.30
C2 GOL L . -10.45 -36.01 10.52
O2 GOL L . -10.23 -36.40 9.18
C3 GOL L . -11.31 -34.75 10.59
O3 GOL L . -11.44 -34.35 11.94
C1 GOL M . 16.58 -25.13 -23.99
O1 GOL M . 17.16 -24.53 -22.86
C2 GOL M . 16.29 -24.05 -25.04
O2 GOL M . 15.88 -24.63 -26.25
C3 GOL M . 17.52 -23.20 -25.29
O3 GOL M . 17.77 -23.09 -26.68
C1 GOL N . -5.42 3.55 10.62
O1 GOL N . -6.81 3.45 10.73
C2 GOL N . -4.86 4.19 11.90
O2 GOL N . -5.13 3.37 13.02
C3 GOL N . -5.48 5.58 12.04
O3 GOL N . -4.85 6.32 13.08
C1 TC7 O . -5.84 -14.50 11.32
C2 TC7 O . -6.22 -14.72 10.01
C3 TC7 O . -5.27 -14.83 9.02
C4 TC7 O . -3.93 -14.71 9.36
C5 TC7 O . -3.54 -14.49 10.66
C6 TC7 O . -4.49 -14.38 11.65
CL1 TC7 O . -2.72 -14.89 8.14
CL3 TC7 O . -3.98 -14.07 13.28
O1 TC7 O . -5.65 -15.03 7.74
CL5 TC7 O . -7.06 -14.42 12.54
FE1 SF4 P . 15.68 20.33 -13.77
FE2 SF4 P . 17.38 22.15 -12.78
FE3 SF4 P . 15.04 22.98 -13.74
FE4 SF4 P . 16.98 22.03 -15.43
S1 SF4 P . 17.11 23.96 -14.13
S2 SF4 P . 14.76 21.47 -15.47
S3 SF4 P . 17.94 20.44 -14.20
S4 SF4 P . 15.28 21.69 -11.93
FE1 SF4 Q . 3.64 23.96 -13.11
FE2 SF4 Q . 5.98 23.63 -11.86
FE3 SF4 Q . 4.07 25.16 -10.78
FE4 SF4 Q . 5.32 26.04 -12.97
S1 SF4 Q . 6.26 25.68 -10.93
S2 SF4 Q . 3.06 26.11 -12.63
S3 SF4 Q . 5.73 24.13 -14.08
S4 SF4 Q . 3.96 22.93 -11.05
P BVQ R . 10.69 27.90 0.30
CO BVQ R . 4.52 21.14 -3.56
C1 BVQ R . 6.29 19.53 -2.00
C2 BVQ R . 6.66 18.00 -1.94
O2 BVQ R . 11.21 26.42 -0.15
C3 BVQ R . 6.88 17.67 -3.46
O3 BVQ R . 9.20 27.55 0.79
C4 BVQ R . 6.03 18.73 -4.12
O4 BVQ R . 11.49 28.49 1.38
C5 BVQ R . 5.62 18.68 -5.54
O5 BVQ R . 10.52 28.65 -1.01
C6 BVQ R . 4.96 19.73 -6.15
C7 BVQ R . 4.48 19.86 -7.60
C8 BVQ R . 4.58 21.41 -7.75
C9 BVQ R . 4.27 21.84 -6.33
C10 BVQ R . 3.67 23.07 -6.03
C11 BVQ R . 3.42 23.52 -4.75
C12 BVQ R . 2.80 24.88 -4.54
C13 BVQ R . 2.71 25.04 -2.98
C14 BVQ R . 3.39 23.69 -2.50
C15 BVQ R . 3.49 23.34 -1.18
C16 BVQ R . 4.21 22.09 -0.77
C17 BVQ R . 4.47 21.62 0.66
C18 BVQ R . 5.53 20.54 0.38
C19 BVQ R . 5.16 20.03 -1.02
N1B BVQ R . 13.15 24.08 -0.22
C1P BVQ R . 7.48 26.74 2.26
C1R BVQ R . 12.12 23.82 -1.23
C20 BVQ R . 7.48 20.46 -1.88
N21 BVQ R . 5.73 19.71 -3.32
N22 BVQ R . 4.72 20.92 -5.46
N23 BVQ R . 3.76 22.91 -3.62
N24 BVQ R . 4.59 21.23 -1.68
C25 BVQ R . 7.86 17.75 -1.03
C26 BVQ R . 5.43 17.14 -1.45
C27 BVQ R . 5.59 15.61 -1.42
O28 BVQ R . 6.53 15.05 -1.98
N29 BVQ R . 4.62 14.95 -0.78
C2B BVQ R . 12.79 24.05 1.05
C2P BVQ R . 8.97 27.17 2.13
C2R BVQ R . 11.75 25.04 -2.09
C30 BVQ R . 8.36 17.73 -3.89
C31 BVQ R . 9.07 16.36 -3.90
C32 BVQ R . 10.55 16.48 -4.15
N33 BVQ R . 11.09 15.60 -4.98
O34 BVQ R . 11.21 17.37 -3.60
C35 BVQ R . 6.03 17.38 -6.19
C36 BVQ R . 5.34 19.21 -8.71
C37 BVQ R . 2.98 19.48 -7.74
C38 BVQ R . 2.72 17.96 -7.87
O39 BVQ R . 3.15 17.17 -7.03
N3B BVQ R . 13.83 24.17 1.91
C3R BVQ R . 10.66 25.67 -1.22
N40 BVQ R . 1.97 17.58 -8.90
C41 BVQ R . 6.04 21.78 -8.06
C42 BVQ R . 6.37 23.26 -7.93
C43 BVQ R . 7.83 23.54 -7.70
O44 BVQ R . 8.41 23.11 -6.70
N45 BVQ R . 8.44 24.29 -8.60
C46 BVQ R . 1.41 24.98 -5.20
C47 BVQ R . 3.77 25.83 -5.24
C48 BVQ R . 3.30 26.37 -2.47
C49 BVQ R . 4.76 26.35 -2.01
N4B BVQ R . 16.22 24.46 1.57
C4R BVQ R . 9.92 24.46 -0.66
C50 BVQ R . 5.10 27.50 -1.09
O51 BVQ R . 4.21 28.24 -0.62
N52 BVQ R . 6.38 27.66 -0.81
C53 BVQ R . 2.90 24.20 -0.09
C54 BVQ R . 3.15 21.05 1.20
C55 BVQ R . 5.10 22.60 1.69
C56 BVQ R . 6.36 23.28 1.16
C57 BVQ R . 6.76 24.40 2.09
O58 BVQ R . 6.66 24.29 3.31
N59 BVQ R . 7.19 25.51 1.51
C5B BVQ R . 17.06 24.56 0.54
C5R BVQ R . 8.77 23.96 -1.50
C60 BVQ R . 5.62 19.42 1.42
C61 BVQ R . 6.53 19.77 2.58
N62 BVQ R . 6.00 19.66 3.79
O63 BVQ R . 7.69 20.17 2.38
N6B BVQ R . 16.79 24.51 -0.77
O6R BVQ R . 10.93 23.42 -0.57
N7A BVQ R . 15.25 24.33 -2.48
C7B BVQ R . 15.52 24.35 -1.17
O7R BVQ R . 12.87 25.90 -2.18
C8B BVQ R . 14.53 24.23 -0.17
O8R BVQ R . 7.71 24.91 -1.52
C9B BVQ R . 14.95 24.29 1.14
C1 GOL S . -6.31 22.32 0.85
O1 GOL S . -5.00 22.77 0.61
C2 GOL S . -6.87 23.15 2.00
O2 GOL S . -5.95 24.20 2.23
C3 GOL S . -6.94 22.28 3.24
O3 GOL S . -5.82 22.48 4.06
C1 TC7 T . -2.98 20.16 -2.47
C2 TC7 T . -1.69 19.94 -2.03
C3 TC7 T . -0.81 19.18 -2.80
C4 TC7 T . -1.27 18.65 -4.00
C5 TC7 T . -2.56 18.85 -4.43
C6 TC7 T . -3.42 19.61 -3.67
CL1 TC7 T . -0.19 17.74 -4.99
CL3 TC7 T . -5.04 19.85 -4.23
O1 TC7 T . 0.47 18.95 -2.39
CL5 TC7 T . -4.02 21.14 -1.50
#